data_8PHE
#
_entry.id   8PHE
#
_cell.length_a   1.00
_cell.length_b   1.00
_cell.length_c   1.00
_cell.angle_alpha   90.00
_cell.angle_beta   90.00
_cell.angle_gamma   90.00
#
_symmetry.space_group_name_H-M   'P 1'
#
loop_
_entity.id
_entity.type
_entity.pdbx_description
1 polymer 'Complex I assembly factor ACAD9, mitochondrial'
2 polymer 'Evolutionarily conserved signaling intermediate in Toll pathway, mitochondrial'
3 water water
#
loop_
_entity_poly.entity_id
_entity_poly.type
_entity_poly.pdbx_seq_one_letter_code
_entity_poly.pdbx_strand_id
1 'polypeptide(L)'
;MAFAKELFLGKIKKKEVFPFPEVSQDELNEINQFLGPVEKFFTEEVDSRKIDQEGKIPDETLEKLKSLGLFGLQVPEEYG
GLGFSNTMYSRLGEIISMDGSITVTLAAHQAIGLKGIILAGTEEQKAKYLPKLASGEHIAAFCLTEPASGSDAASIRSRA
TLSEDKKHYILNGSKVWITNGGLANIFTVFAKTEVVDSDGSVKDKITAFIVERDFGGVTNGKPEDKLGIRGSNTCEVHFE
NTKIPVENILGEVGDGFKVAMNILNSGRFSMGSVVAGLLKRLIEMTAEYACTRKQFNKRLSEFGLIQEKFALMAQKAYVM
ESMTYLTAGMLDQPGFPDCSIEAAMVKVFSSEAAWQCVSEALQILGGLGYTRDYPYERILRDTRILLIFEGTNEILRMYI
ALTGLQHAGRILTTRIHELKQAKVSTVMDTVGRRLRDSLGRTVDLGLTGNHGVVHPSLADSANKFEENTYCFGRTVETLL
LRFGKTIMEEQLVLKRVANILINLYGMTAVLSRASRSIRIGLRNHDHEVLLANTFCVEAYLQNLFSLSQLDKYAPENLDE
QIKKVSQQILEKRAYICAHPLDRTCHHHHHH
;
A,B
2 'polypeptide(L)'
;MGQDPVELAMFGLRHMEPDLSARVTIYQVPLPKDSTGAADPPQPHIVGIQSPDQQAALARHNPARPVFVEGPFSLWLRNK
CVYYHILRADLLPPEEREVEETPEEWNLYYPMQLDLEYVRSGWDNYEFDINEVEEGPVFAMCMAGAHDQATMAKWIQGLQ
ETNPTLAQIPVVFRLAGSTRELQTSSAGLEEPPLPEDHQEEDDNLQRQQQGQSLEHHHHHH
;
C,D
#
# COMPACT_ATOMS: atom_id res chain seq x y z
N ALA A 2 -30.33 14.90 5.18
CA ALA A 2 -29.06 15.37 4.63
C ALA A 2 -29.00 15.09 3.13
N PHE A 3 -27.90 14.48 2.69
CA PHE A 3 -27.75 14.05 1.30
C PHE A 3 -27.52 12.54 1.20
N ALA A 4 -26.55 12.03 1.98
CA ALA A 4 -26.21 10.62 1.92
C ALA A 4 -27.35 9.74 2.40
N LYS A 5 -28.07 10.18 3.44
CA LYS A 5 -29.15 9.36 3.97
C LYS A 5 -30.26 9.15 2.96
N GLU A 6 -30.61 10.18 2.20
CA GLU A 6 -31.59 10.04 1.14
C GLU A 6 -30.99 9.48 -0.15
N LEU A 7 -29.67 9.37 -0.24
CA LEU A 7 -29.08 8.60 -1.34
C LEU A 7 -29.49 7.14 -1.27
N PHE A 8 -29.74 6.62 -0.07
CA PHE A 8 -30.18 5.25 0.10
C PHE A 8 -31.57 4.99 -0.48
N LEU A 9 -32.38 6.03 -0.62
CA LEU A 9 -33.73 5.90 -1.14
C LEU A 9 -33.80 6.10 -2.65
N GLY A 10 -32.65 6.27 -3.31
CA GLY A 10 -32.64 6.49 -4.74
C GLY A 10 -33.02 7.90 -5.17
N LYS A 11 -33.00 8.86 -4.25
CA LYS A 11 -33.38 10.23 -4.53
C LYS A 11 -32.16 11.13 -4.41
N ILE A 12 -31.92 11.94 -5.44
CA ILE A 12 -30.81 12.89 -5.44
C ILE A 12 -31.36 14.23 -4.99
N LYS A 13 -30.90 14.72 -3.83
CA LYS A 13 -31.31 16.01 -3.31
C LYS A 13 -30.45 17.08 -3.97
N LYS A 14 -30.88 17.53 -5.14
CA LYS A 14 -30.11 18.50 -5.93
C LYS A 14 -30.49 19.92 -5.49
N LYS A 15 -30.43 20.12 -4.18
CA LYS A 15 -30.67 21.44 -3.61
C LYS A 15 -29.61 21.82 -2.59
N GLU A 16 -28.91 20.87 -2.00
CA GLU A 16 -27.89 21.12 -1.00
C GLU A 16 -26.48 20.85 -1.51
N VAL A 17 -26.34 20.10 -2.61
CA VAL A 17 -25.04 19.58 -3.02
C VAL A 17 -24.58 20.17 -4.34
N PHE A 18 -25.51 20.48 -5.23
CA PHE A 18 -25.11 20.80 -6.61
C PHE A 18 -24.63 22.25 -6.76
N PRO A 19 -25.33 23.25 -6.20
CA PRO A 19 -24.70 24.58 -6.19
C PRO A 19 -23.53 24.58 -5.22
N PHE A 20 -22.32 24.57 -5.76
CA PHE A 20 -21.14 24.34 -4.94
C PHE A 20 -20.98 25.48 -3.93
N PRO A 21 -20.56 25.18 -2.70
CA PRO A 21 -20.38 26.23 -1.69
C PRO A 21 -19.53 27.39 -2.17
N GLU A 22 -20.14 28.56 -2.29
CA GLU A 22 -19.43 29.78 -2.68
C GLU A 22 -19.06 30.59 -1.45
N VAL A 23 -17.88 31.18 -1.48
CA VAL A 23 -17.36 32.00 -0.40
C VAL A 23 -17.26 33.44 -0.90
N SER A 24 -17.82 34.38 -0.13
CA SER A 24 -17.82 35.77 -0.55
C SER A 24 -16.39 36.33 -0.54
N GLN A 25 -16.23 37.47 -1.20
CA GLN A 25 -14.89 38.03 -1.41
C GLN A 25 -14.23 38.40 -0.07
N ASP A 26 -14.99 38.98 0.85
CA ASP A 26 -14.40 39.43 2.11
C ASP A 26 -13.83 38.26 2.91
N GLU A 27 -14.54 37.14 2.94
CA GLU A 27 -14.03 35.96 3.66
C GLU A 27 -12.78 35.41 2.99
N LEU A 28 -12.73 35.42 1.66
CA LEU A 28 -11.52 34.99 0.96
C LEU A 28 -10.34 35.89 1.29
N ASN A 29 -10.56 37.20 1.29
CA ASN A 29 -9.48 38.12 1.65
C ASN A 29 -9.04 37.91 3.09
N GLU A 30 -9.98 37.66 4.00
CA GLU A 30 -9.62 37.42 5.40
C GLU A 30 -8.78 36.14 5.55
N ILE A 31 -9.19 35.07 4.87
CA ILE A 31 -8.43 33.82 5.00
C ILE A 31 -7.06 33.96 4.33
N ASN A 32 -6.98 34.70 3.23
CA ASN A 32 -5.67 34.92 2.61
C ASN A 32 -4.77 35.78 3.47
N GLN A 33 -5.36 36.76 4.18
CA GLN A 33 -4.59 37.56 5.11
C GLN A 33 -4.10 36.74 6.29
N PHE A 34 -4.92 35.82 6.80
CA PHE A 34 -4.46 34.92 7.85
C PHE A 34 -3.36 34.01 7.34
N LEU A 35 -3.50 33.49 6.12
CA LEU A 35 -2.39 32.84 5.44
C LEU A 35 -1.27 33.85 5.21
N GLY A 36 -0.11 33.35 4.78
CA GLY A 36 1.07 34.17 4.79
C GLY A 36 1.94 33.84 5.99
N PRO A 37 1.80 34.61 7.07
CA PRO A 37 2.56 34.32 8.30
C PRO A 37 2.50 32.86 8.74
N VAL A 38 1.52 32.10 8.26
CA VAL A 38 1.40 30.69 8.58
C VAL A 38 2.11 29.82 7.54
N GLU A 39 1.83 30.07 6.26
CA GLU A 39 2.45 29.27 5.20
C GLU A 39 3.96 29.46 5.16
N LYS A 40 4.42 30.69 5.30
CA LYS A 40 5.85 30.97 5.34
C LYS A 40 6.51 30.28 6.53
N PHE A 41 5.86 30.33 7.69
CA PHE A 41 6.39 29.66 8.87
C PHE A 41 6.49 28.15 8.65
N PHE A 42 5.47 27.56 8.04
CA PHE A 42 5.48 26.11 7.83
C PHE A 42 6.50 25.69 6.79
N THR A 43 6.69 26.50 5.74
CA THR A 43 7.65 26.14 4.69
C THR A 43 9.10 26.40 5.11
N GLU A 44 9.34 27.41 5.95
CA GLU A 44 10.70 27.83 6.27
C GLU A 44 11.13 27.47 7.67
N GLU A 45 10.34 27.82 8.68
CA GLU A 45 10.75 27.68 10.07
C GLU A 45 10.41 26.34 10.69
N VAL A 46 9.83 25.42 9.92
CA VAL A 46 9.47 24.09 10.40
C VAL A 46 10.37 23.06 9.74
N ASP A 47 11.05 22.26 10.56
CA ASP A 47 11.97 21.23 10.09
C ASP A 47 11.30 19.86 10.33
N SER A 48 10.66 19.33 9.30
CA SER A 48 10.00 18.04 9.43
C SER A 48 11.00 16.92 9.68
N ARG A 49 12.15 16.97 9.00
CA ARG A 49 13.18 15.94 9.18
C ARG A 49 13.70 15.94 10.61
N LYS A 50 13.95 17.12 11.17
CA LYS A 50 14.44 17.20 12.54
C LYS A 50 13.40 16.66 13.53
N ILE A 51 12.13 17.03 13.33
CA ILE A 51 11.08 16.56 14.23
C ILE A 51 10.96 15.04 14.16
N ASP A 52 11.03 14.49 12.95
CA ASP A 52 10.91 13.04 12.79
C ASP A 52 12.10 12.32 13.42
N GLN A 53 13.31 12.83 13.21
CA GLN A 53 14.49 12.12 13.70
C GLN A 53 14.64 12.24 15.21
N GLU A 54 14.30 13.41 15.78
CA GLU A 54 14.39 13.57 17.23
C GLU A 54 13.23 12.92 17.96
N GLY A 55 12.04 12.89 17.34
CA GLY A 55 10.86 12.38 18.00
C GLY A 55 10.19 13.35 18.94
N LYS A 56 10.60 14.61 18.95
CA LYS A 56 10.02 15.62 19.81
C LYS A 56 9.93 16.93 19.04
N ILE A 57 8.77 17.58 19.12
CA ILE A 57 8.58 18.89 18.49
C ILE A 57 9.35 19.93 19.29
N PRO A 58 10.21 20.72 18.65
CA PRO A 58 10.99 21.71 19.41
C PRO A 58 10.08 22.72 20.09
N ASP A 59 10.53 23.20 21.25
CA ASP A 59 9.73 24.13 22.03
C ASP A 59 9.55 25.47 21.31
N GLU A 60 10.54 25.89 20.52
CA GLU A 60 10.39 27.12 19.74
C GLU A 60 9.28 26.98 18.71
N THR A 61 9.23 25.84 18.02
CA THR A 61 8.17 25.62 17.02
C THR A 61 6.80 25.62 17.68
N LEU A 62 6.67 24.95 18.83
CA LEU A 62 5.38 24.92 19.51
C LEU A 62 4.98 26.29 20.03
N GLU A 63 5.96 27.07 20.52
CA GLU A 63 5.67 28.42 20.98
C GLU A 63 5.21 29.31 19.82
N LYS A 64 5.85 29.19 18.67
CA LYS A 64 5.41 29.97 17.51
C LYS A 64 4.05 29.51 17.03
N LEU A 65 3.76 28.21 17.11
CA LEU A 65 2.43 27.72 16.75
C LEU A 65 1.37 28.30 17.67
N LYS A 66 1.67 28.36 18.98
CA LYS A 66 0.75 28.99 19.91
C LYS A 66 0.57 30.48 19.61
N SER A 67 1.67 31.16 19.24
CA SER A 67 1.58 32.57 18.92
C SER A 67 0.71 32.81 17.70
N LEU A 68 0.83 31.96 16.68
CA LEU A 68 0.01 32.10 15.48
C LEU A 68 -1.47 31.87 15.73
N GLY A 69 -1.83 31.30 16.88
CA GLY A 69 -3.22 31.04 17.17
C GLY A 69 -3.79 29.80 16.52
N LEU A 70 -2.95 28.82 16.19
CA LEU A 70 -3.42 27.60 15.55
C LEU A 70 -4.01 26.61 16.53
N PHE A 71 -3.91 26.86 17.83
CA PHE A 71 -4.54 26.01 18.83
C PHE A 71 -5.98 26.40 19.12
N GLY A 72 -6.43 27.54 18.60
CA GLY A 72 -7.79 28.00 18.81
C GLY A 72 -8.48 28.39 17.53
N LEU A 73 -8.25 27.62 16.45
CA LEU A 73 -8.76 27.97 15.13
C LEU A 73 -10.28 28.11 15.13
N GLN A 74 -10.98 27.10 15.65
CA GLN A 74 -12.43 27.07 15.63
C GLN A 74 -13.06 27.48 16.95
N VAL A 75 -12.26 27.85 17.95
CA VAL A 75 -12.82 28.38 19.19
C VAL A 75 -13.50 29.72 18.90
N PRO A 76 -14.69 29.98 19.44
CA PRO A 76 -15.35 31.26 19.16
C PRO A 76 -14.51 32.45 19.60
N GLU A 77 -14.65 33.55 18.87
CA GLU A 77 -13.83 34.74 19.12
C GLU A 77 -14.06 35.30 20.51
N GLU A 78 -15.24 35.08 21.08
CA GLU A 78 -15.52 35.57 22.43
C GLU A 78 -14.72 34.83 23.50
N TYR A 79 -14.12 33.69 23.17
CA TYR A 79 -13.37 32.89 24.12
C TYR A 79 -11.89 32.82 23.76
N GLY A 80 -11.34 33.89 23.18
CA GLY A 80 -9.93 33.95 22.86
C GLY A 80 -9.52 33.22 21.60
N GLY A 81 -10.45 32.63 20.87
CA GLY A 81 -10.14 31.92 19.64
C GLY A 81 -10.27 32.81 18.42
N LEU A 82 -10.40 32.17 17.26
CA LEU A 82 -10.57 32.87 16.00
C LEU A 82 -11.93 32.67 15.36
N GLY A 83 -12.67 31.63 15.72
CA GLY A 83 -14.01 31.43 15.19
C GLY A 83 -14.09 31.07 13.73
N PHE A 84 -13.05 30.46 13.17
CA PHE A 84 -13.04 30.10 11.76
C PHE A 84 -14.12 29.08 11.45
N SER A 85 -14.69 29.15 10.25
CA SER A 85 -15.76 28.24 9.85
C SER A 85 -15.20 26.90 9.44
N ASN A 86 -16.03 26.03 8.87
CA ASN A 86 -15.61 24.71 8.44
C ASN A 86 -14.92 24.70 7.09
N THR A 87 -15.19 25.69 6.24
CA THR A 87 -14.47 25.84 4.98
C THR A 87 -13.20 26.63 5.12
N MET A 88 -12.98 27.26 6.29
CA MET A 88 -11.76 28.01 6.55
C MET A 88 -10.80 27.24 7.43
N TYR A 89 -11.25 26.18 8.08
CA TYR A 89 -10.41 25.24 8.79
C TYR A 89 -9.81 24.18 7.86
N SER A 90 -10.60 23.71 6.89
CA SER A 90 -10.07 22.84 5.85
C SER A 90 -9.02 23.54 5.02
N ARG A 91 -9.18 24.85 4.80
CA ARG A 91 -8.19 25.61 4.06
C ARG A 91 -6.85 25.61 4.79
N LEU A 92 -6.87 25.81 6.11
CA LEU A 92 -5.63 25.82 6.89
C LEU A 92 -5.07 24.41 7.10
N GLY A 93 -5.92 23.38 7.00
CA GLY A 93 -5.42 22.02 7.13
C GLY A 93 -4.38 21.68 6.07
N GLU A 94 -4.56 22.20 4.86
CA GLU A 94 -3.61 21.93 3.78
C GLU A 94 -2.23 22.49 4.11
N ILE A 95 -2.17 23.70 4.67
CA ILE A 95 -0.88 24.27 5.06
C ILE A 95 -0.32 23.52 6.27
N ILE A 96 -1.17 23.17 7.23
CA ILE A 96 -0.68 22.50 8.44
C ILE A 96 -0.13 21.11 8.11
N SER A 97 -0.64 20.49 7.04
CA SER A 97 -0.27 19.12 6.70
C SER A 97 1.17 18.93 6.26
N MET A 98 1.97 20.01 6.30
CA MET A 98 3.37 19.93 5.88
C MET A 98 4.26 19.19 6.87
N ASP A 99 3.74 18.81 8.04
CA ASP A 99 4.53 18.15 9.05
C ASP A 99 4.07 16.74 9.39
N GLY A 100 2.78 16.49 9.52
CA GLY A 100 2.32 15.17 9.93
C GLY A 100 2.30 15.01 11.44
N SER A 101 3.40 15.39 12.09
CA SER A 101 3.48 15.41 13.54
C SER A 101 2.83 16.63 14.16
N ILE A 102 2.54 17.65 13.35
CA ILE A 102 1.79 18.82 13.82
C ILE A 102 0.32 18.76 13.43
N THR A 103 -0.01 18.23 12.25
CA THR A 103 -1.40 18.06 11.88
C THR A 103 -2.11 17.02 12.72
N VAL A 104 -1.38 16.23 13.49
CA VAL A 104 -1.96 15.27 14.42
C VAL A 104 -2.06 15.85 15.83
N THR A 105 -1.02 16.55 16.28
CA THR A 105 -1.06 17.22 17.58
C THR A 105 -2.14 18.29 17.60
N LEU A 106 -2.25 19.07 16.52
CA LEU A 106 -3.25 20.15 16.49
C LEU A 106 -4.65 19.60 16.35
N ALA A 107 -4.86 18.61 15.48
CA ALA A 107 -6.19 18.06 15.27
C ALA A 107 -6.71 17.37 16.53
N ALA A 108 -5.86 16.61 17.21
CA ALA A 108 -6.27 15.92 18.42
C ALA A 108 -6.56 16.88 19.57
N HIS A 109 -6.11 18.13 19.49
CA HIS A 109 -6.42 19.14 20.48
C HIS A 109 -7.62 19.99 20.08
N GLN A 110 -7.92 20.09 18.78
CA GLN A 110 -9.02 20.90 18.28
C GLN A 110 -10.23 20.07 17.88
N ALA A 111 -10.03 19.02 17.07
CA ALA A 111 -11.16 18.26 16.55
C ALA A 111 -11.78 17.38 17.63
N ILE A 112 -10.96 16.73 18.45
CA ILE A 112 -11.44 15.83 19.49
C ILE A 112 -11.06 16.32 20.88
N GLY A 113 -10.44 17.47 21.01
CA GLY A 113 -10.00 17.97 22.30
C GLY A 113 -11.00 18.93 22.90
N LEU A 114 -10.71 20.23 22.82
CA LEU A 114 -11.59 21.26 23.35
C LEU A 114 -12.94 21.29 22.65
N LYS A 115 -13.14 20.45 21.64
CA LYS A 115 -14.42 20.39 20.94
C LYS A 115 -15.55 19.96 21.86
N GLY A 116 -15.25 19.13 22.85
CA GLY A 116 -16.30 18.71 23.78
C GLY A 116 -16.84 19.85 24.61
N ILE A 117 -15.94 20.72 25.09
CA ILE A 117 -16.38 21.88 25.87
C ILE A 117 -17.20 22.82 25.02
N ILE A 118 -16.82 22.98 23.75
CA ILE A 118 -17.58 23.84 22.84
C ILE A 118 -18.97 23.26 22.60
N LEU A 119 -19.05 21.96 22.34
CA LEU A 119 -20.33 21.37 21.95
C LEU A 119 -21.29 21.24 23.13
N ALA A 120 -20.78 20.80 24.29
CA ALA A 120 -21.66 20.47 25.40
C ALA A 120 -21.39 21.26 26.68
N GLY A 121 -20.29 22.00 26.75
CA GLY A 121 -20.00 22.75 27.96
C GLY A 121 -20.96 23.91 28.17
N THR A 122 -21.17 24.24 29.44
CA THR A 122 -22.03 25.36 29.80
C THR A 122 -21.30 26.68 29.59
N GLU A 123 -22.05 27.78 29.68
CA GLU A 123 -21.48 29.10 29.47
C GLU A 123 -20.44 29.46 30.53
N GLU A 124 -20.52 28.87 31.72
CA GLU A 124 -19.51 29.11 32.75
C GLU A 124 -18.31 28.20 32.62
N GLN A 125 -18.47 27.02 32.02
CA GLN A 125 -17.32 26.16 31.75
C GLN A 125 -16.51 26.69 30.56
N LYS A 126 -17.19 27.21 29.54
CA LYS A 126 -16.48 27.78 28.39
C LYS A 126 -15.67 29.00 28.79
N ALA A 127 -16.19 29.83 29.70
CA ALA A 127 -15.48 31.02 30.13
C ALA A 127 -14.27 30.71 30.99
N LYS A 128 -14.09 29.47 31.42
CA LYS A 128 -12.99 29.07 32.29
C LYS A 128 -11.90 28.30 31.57
N TYR A 129 -12.25 27.43 30.61
CA TYR A 129 -11.28 26.57 29.95
C TYR A 129 -10.94 27.02 28.54
N LEU A 130 -11.92 27.50 27.78
CA LEU A 130 -11.66 27.90 26.39
C LEU A 130 -10.64 29.04 26.26
N PRO A 131 -10.67 30.11 27.05
CA PRO A 131 -9.67 31.18 26.86
C PRO A 131 -8.24 30.71 27.00
N LYS A 132 -7.98 29.71 27.85
CA LYS A 132 -6.63 29.20 28.02
C LYS A 132 -6.34 27.99 27.14
N LEU A 133 -7.37 27.30 26.63
CA LEU A 133 -7.16 26.23 25.66
C LEU A 133 -6.86 26.80 24.28
N ALA A 134 -7.49 27.91 23.91
CA ALA A 134 -7.23 28.53 22.61
C ALA A 134 -5.91 29.27 22.59
N SER A 135 -5.50 29.86 23.71
CA SER A 135 -4.23 30.57 23.77
C SER A 135 -3.03 29.65 23.68
N GLY A 136 -3.23 28.34 23.80
CA GLY A 136 -2.15 27.38 23.74
C GLY A 136 -1.48 27.09 25.05
N GLU A 137 -1.83 27.79 26.13
CA GLU A 137 -1.25 27.49 27.44
C GLU A 137 -1.64 26.10 27.89
N HIS A 138 -2.91 25.72 27.70
CA HIS A 138 -3.40 24.39 28.01
C HIS A 138 -3.64 23.61 26.72
N ILE A 139 -3.55 22.29 26.83
CA ILE A 139 -3.79 21.38 25.72
C ILE A 139 -4.84 20.37 26.15
N ALA A 140 -5.74 20.04 25.24
CA ALA A 140 -6.84 19.12 25.52
C ALA A 140 -6.57 17.75 24.94
N ALA A 141 -7.12 16.73 25.60
CA ALA A 141 -7.00 15.35 25.15
C ALA A 141 -8.37 14.67 25.23
N PHE A 142 -8.54 13.63 24.42
CA PHE A 142 -9.79 12.89 24.33
C PHE A 142 -9.54 11.48 24.85
N CYS A 143 -10.09 11.16 26.02
CA CYS A 143 -9.89 9.86 26.67
C CYS A 143 -11.18 9.07 26.59
N LEU A 144 -11.25 8.14 25.64
CA LEU A 144 -12.40 7.27 25.49
C LEU A 144 -12.07 5.79 25.64
N THR A 145 -11.08 5.30 24.90
CA THR A 145 -10.80 3.87 24.88
C THR A 145 -9.94 3.46 26.06
N GLU A 146 -10.03 2.19 26.41
CA GLU A 146 -9.26 1.58 27.50
C GLU A 146 -8.52 0.35 26.97
N PRO A 147 -7.41 -0.03 27.63
CA PRO A 147 -6.64 -1.19 27.15
C PRO A 147 -7.40 -2.49 27.34
N ALA A 148 -7.69 -3.19 26.24
CA ALA A 148 -8.40 -4.45 26.30
C ALA A 148 -7.43 -5.55 26.73
N SER A 149 -7.59 -6.03 27.97
CA SER A 149 -6.77 -7.11 28.50
C SER A 149 -7.72 -8.10 29.19
N GLY A 150 -8.11 -9.14 28.47
CA GLY A 150 -9.08 -10.07 28.98
C GLY A 150 -10.49 -9.54 29.03
N SER A 151 -10.79 -8.49 28.26
CA SER A 151 -12.10 -7.88 28.27
C SER A 151 -12.38 -7.31 26.89
N ASP A 152 -13.63 -6.84 26.72
CA ASP A 152 -14.05 -6.26 25.45
C ASP A 152 -13.25 -5.00 25.14
N ALA A 153 -13.00 -4.76 23.86
CA ALA A 153 -12.19 -3.64 23.44
C ALA A 153 -12.98 -2.36 23.21
N ALA A 154 -14.31 -2.40 23.31
CA ALA A 154 -15.14 -1.23 23.09
C ALA A 154 -15.88 -0.76 24.33
N SER A 155 -16.19 -1.66 25.27
CA SER A 155 -16.90 -1.28 26.47
C SER A 155 -16.02 -0.46 27.40
N ILE A 156 -16.66 0.29 28.29
CA ILE A 156 -15.97 1.19 29.23
C ILE A 156 -15.97 0.53 30.59
N ARG A 157 -14.78 0.36 31.18
CA ARG A 157 -14.64 -0.12 32.54
C ARG A 157 -14.28 1.01 33.51
N SER A 158 -14.18 2.23 33.03
CA SER A 158 -13.87 3.37 33.88
C SER A 158 -15.04 3.66 34.81
N ARG A 159 -14.72 3.99 36.06
CA ARG A 159 -15.73 4.14 37.10
C ARG A 159 -15.63 5.51 37.72
N ALA A 160 -16.79 6.11 37.99
CA ALA A 160 -16.88 7.40 38.67
C ALA A 160 -17.91 7.25 39.79
N THR A 161 -17.45 7.27 41.04
CA THR A 161 -18.30 7.09 42.20
C THR A 161 -18.55 8.44 42.86
N LEU A 162 -19.82 8.78 43.04
CA LEU A 162 -20.16 10.03 43.71
C LEU A 162 -19.83 9.92 45.20
N SER A 163 -19.27 11.01 45.75
CA SER A 163 -18.75 10.97 47.10
C SER A 163 -19.89 10.95 48.13
N GLU A 164 -19.51 10.72 49.39
CA GLU A 164 -20.49 10.67 50.46
C GLU A 164 -21.15 12.02 50.68
N ASP A 165 -20.38 13.11 50.58
CA ASP A 165 -20.89 14.45 50.81
C ASP A 165 -21.49 15.08 49.56
N LYS A 166 -21.51 14.35 48.44
CA LYS A 166 -22.15 14.80 47.20
C LYS A 166 -21.54 16.08 46.66
N LYS A 167 -20.22 16.25 46.79
CA LYS A 167 -19.56 17.46 46.32
C LYS A 167 -18.57 17.22 45.18
N HIS A 168 -18.11 15.99 44.98
CA HIS A 168 -17.24 15.70 43.83
C HIS A 168 -17.25 14.21 43.57
N TYR A 169 -17.13 13.85 42.29
CA TYR A 169 -16.96 12.46 41.90
C TYR A 169 -15.51 12.02 42.13
N ILE A 170 -15.34 10.71 42.29
CA ILE A 170 -14.03 10.09 42.36
C ILE A 170 -13.89 9.16 41.17
N LEU A 171 -12.88 9.40 40.35
CA LEU A 171 -12.68 8.68 39.10
C LEU A 171 -11.54 7.69 39.24
N ASN A 172 -11.78 6.46 38.79
CA ASN A 172 -10.77 5.41 38.72
C ASN A 172 -10.87 4.74 37.36
N GLY A 173 -9.73 4.59 36.69
CA GLY A 173 -9.72 3.95 35.39
C GLY A 173 -8.37 4.11 34.73
N SER A 174 -8.33 3.79 33.44
CA SER A 174 -7.12 3.90 32.66
C SER A 174 -7.50 3.96 31.18
N LYS A 175 -6.79 4.80 30.42
CA LYS A 175 -7.06 4.99 29.01
C LYS A 175 -5.76 4.79 28.23
N VAL A 176 -5.91 4.34 26.97
CA VAL A 176 -4.77 3.97 26.14
C VAL A 176 -4.88 4.69 24.80
N TRP A 177 -3.73 4.88 24.15
CA TRP A 177 -3.67 5.50 22.82
C TRP A 177 -4.23 6.92 22.83
N ILE A 178 -3.95 7.65 23.90
CA ILE A 178 -4.42 9.02 24.06
C ILE A 178 -3.39 9.96 23.46
N THR A 179 -3.78 10.69 22.42
CA THR A 179 -2.88 11.65 21.82
C THR A 179 -2.72 12.86 22.74
N ASN A 180 -1.51 13.41 22.78
CA ASN A 180 -1.16 14.53 23.66
C ASN A 180 -1.33 14.15 25.13
N GLY A 181 -1.16 12.86 25.45
CA GLY A 181 -1.30 12.43 26.82
C GLY A 181 -0.25 13.04 27.75
N GLY A 182 0.97 13.22 27.24
CA GLY A 182 2.03 13.81 28.03
C GLY A 182 2.05 15.32 28.05
N LEU A 183 1.24 15.97 27.21
CA LEU A 183 1.19 17.41 27.11
C LEU A 183 -0.11 18.02 27.60
N ALA A 184 -1.21 17.28 27.56
CA ALA A 184 -2.52 17.84 27.85
C ALA A 184 -2.66 18.19 29.33
N ASN A 185 -3.31 19.32 29.61
CA ASN A 185 -3.69 19.70 30.96
C ASN A 185 -5.19 19.59 31.19
N ILE A 186 -5.98 19.41 30.14
CA ILE A 186 -7.42 19.24 30.25
C ILE A 186 -7.79 17.95 29.54
N PHE A 187 -8.47 17.06 30.25
CA PHE A 187 -8.88 15.76 29.72
C PHE A 187 -10.40 15.70 29.65
N THR A 188 -10.92 15.24 28.52
CA THR A 188 -12.35 14.96 28.37
C THR A 188 -12.52 13.46 28.54
N VAL A 189 -12.77 13.03 29.77
CA VAL A 189 -12.82 11.62 30.14
C VAL A 189 -14.26 11.16 30.18
N PHE A 190 -14.50 9.96 29.66
CA PHE A 190 -15.83 9.33 29.67
C PHE A 190 -15.76 8.13 30.59
N ALA A 191 -16.66 8.08 31.58
CA ALA A 191 -16.67 7.01 32.55
C ALA A 191 -18.09 6.58 32.85
N LYS A 192 -18.26 5.33 33.24
CA LYS A 192 -19.56 4.78 33.57
C LYS A 192 -19.87 5.07 35.03
N THR A 193 -20.92 5.83 35.28
CA THR A 193 -21.35 6.17 36.63
C THR A 193 -22.77 5.65 36.86
N GLU A 194 -23.04 5.25 38.11
CA GLU A 194 -24.35 4.70 38.45
C GLU A 194 -25.38 5.80 38.55
N VAL A 195 -26.57 5.53 38.02
CA VAL A 195 -27.71 6.45 38.08
C VAL A 195 -28.90 5.69 38.64
N VAL A 196 -29.52 6.24 39.68
CA VAL A 196 -30.69 5.65 40.32
C VAL A 196 -31.92 6.46 39.92
N ASP A 197 -32.98 5.76 39.52
CA ASP A 197 -34.20 6.40 39.05
C ASP A 197 -35.42 5.87 39.79
N SER A 198 -36.61 6.21 39.31
CA SER A 198 -37.84 5.73 39.94
C SER A 198 -37.91 4.20 39.92
N ASP A 199 -37.29 3.56 38.92
CA ASP A 199 -37.28 2.11 38.88
C ASP A 199 -36.45 1.51 40.02
N GLY A 200 -35.53 2.28 40.58
CA GLY A 200 -34.71 1.79 41.68
C GLY A 200 -33.65 0.80 41.26
N SER A 201 -33.22 0.83 39.99
CA SER A 201 -32.22 -0.10 39.50
C SER A 201 -30.82 0.44 39.77
N VAL A 202 -29.81 -0.30 39.31
CA VAL A 202 -28.42 0.08 39.48
C VAL A 202 -27.85 0.32 38.08
N LYS A 203 -28.70 0.81 37.17
CA LYS A 203 -28.28 1.05 35.80
C LYS A 203 -27.22 2.14 35.76
N ASP A 204 -26.13 1.88 35.05
CA ASP A 204 -25.04 2.83 34.90
C ASP A 204 -25.02 3.40 33.49
N LYS A 205 -24.58 4.65 33.39
CA LYS A 205 -24.55 5.35 32.12
C LYS A 205 -23.20 6.04 31.94
N ILE A 206 -22.84 6.28 30.67
CA ILE A 206 -21.60 6.97 30.36
C ILE A 206 -21.79 8.46 30.61
N THR A 207 -20.78 9.08 31.23
CA THR A 207 -20.79 10.49 31.56
C THR A 207 -19.43 11.08 31.23
N ALA A 208 -19.43 12.28 30.64
CA ALA A 208 -18.21 12.97 30.25
C ALA A 208 -17.79 13.95 31.33
N PHE A 209 -16.50 13.99 31.62
CA PHE A 209 -15.93 14.87 32.62
C PHE A 209 -14.88 15.78 31.99
N ILE A 210 -14.57 16.86 32.69
CA ILE A 210 -13.48 17.75 32.35
C ILE A 210 -12.43 17.60 33.44
N VAL A 211 -11.46 16.73 33.21
CA VAL A 211 -10.48 16.36 34.22
C VAL A 211 -9.19 17.14 33.98
N GLU A 212 -8.79 17.93 34.97
CA GLU A 212 -7.54 18.67 34.92
C GLU A 212 -6.43 17.85 35.56
N ARG A 213 -5.22 18.03 35.05
CA ARG A 213 -4.07 17.36 35.65
C ARG A 213 -3.78 17.86 37.06
N ASP A 214 -4.27 19.06 37.40
CA ASP A 214 -4.11 19.59 38.74
C ASP A 214 -5.02 18.93 39.76
N PHE A 215 -6.01 18.15 39.31
CA PHE A 215 -6.91 17.48 40.23
C PHE A 215 -6.21 16.43 41.09
N GLY A 216 -5.06 15.94 40.65
CA GLY A 216 -4.35 14.92 41.39
C GLY A 216 -4.76 13.51 41.00
N GLY A 217 -3.85 12.57 41.09
CA GLY A 217 -4.15 11.19 40.74
C GLY A 217 -4.13 10.88 39.26
N VAL A 218 -3.65 11.81 38.43
CA VAL A 218 -3.56 11.60 36.99
C VAL A 218 -2.11 11.35 36.63
N THR A 219 -1.82 10.16 36.11
CA THR A 219 -0.48 9.76 35.75
C THR A 219 -0.50 9.13 34.37
N ASN A 220 0.59 9.33 33.62
CA ASN A 220 0.71 8.78 32.28
C ASN A 220 2.10 8.19 32.09
N GLY A 221 2.20 7.21 31.21
CA GLY A 221 3.44 6.52 30.94
C GLY A 221 4.23 7.16 29.82
N LYS A 222 5.30 6.48 29.42
CA LYS A 222 6.14 6.96 28.34
C LYS A 222 5.42 6.87 27.01
N PRO A 223 5.75 7.76 26.06
CA PRO A 223 5.07 7.75 24.76
C PRO A 223 5.38 6.49 23.96
N GLU A 224 4.45 6.16 23.07
CA GLU A 224 4.59 4.99 22.22
C GLU A 224 5.64 5.23 21.14
N ASP A 225 6.23 4.14 20.65
CA ASP A 225 7.25 4.20 19.60
C ASP A 225 6.58 3.97 18.24
N LYS A 226 5.86 5.00 17.80
CA LYS A 226 5.07 4.89 16.58
C LYS A 226 5.97 4.89 15.34
N LEU A 227 5.43 4.31 14.26
CA LEU A 227 6.15 4.26 12.99
C LEU A 227 6.42 5.65 12.43
N GLY A 228 5.36 6.34 12.00
CA GLY A 228 5.55 7.53 11.20
C GLY A 228 5.53 8.85 11.93
N ILE A 229 4.49 9.09 12.73
CA ILE A 229 4.31 10.40 13.39
C ILE A 229 5.08 10.32 14.71
N ARG A 230 6.39 10.53 14.60
CA ARG A 230 7.26 10.43 15.77
C ARG A 230 7.29 11.70 16.60
N GLY A 231 6.83 12.83 16.06
CA GLY A 231 6.77 14.05 16.83
C GLY A 231 5.57 14.16 17.74
N SER A 232 4.56 13.32 17.53
CA SER A 232 3.38 13.33 18.39
C SER A 232 3.71 12.72 19.75
N ASN A 233 2.81 12.92 20.70
CA ASN A 233 2.97 12.44 22.07
C ASN A 233 1.77 11.58 22.41
N THR A 234 1.84 10.29 22.06
CA THR A 234 0.76 9.34 22.32
C THR A 234 1.14 8.52 23.54
N CYS A 235 0.47 8.77 24.66
CA CYS A 235 0.69 8.06 25.90
C CYS A 235 -0.59 7.34 26.33
N GLU A 236 -0.53 6.68 27.48
CA GLU A 236 -1.70 6.13 28.14
C GLU A 236 -1.85 6.80 29.49
N VAL A 237 -3.05 7.29 29.79
CA VAL A 237 -3.31 8.07 30.98
C VAL A 237 -4.08 7.23 31.99
N HIS A 238 -3.65 7.28 33.24
CA HIS A 238 -4.28 6.54 34.32
C HIS A 238 -4.82 7.51 35.36
N PHE A 239 -6.08 7.33 35.74
CA PHE A 239 -6.71 8.13 36.79
C PHE A 239 -6.90 7.26 38.01
N GLU A 240 -6.23 7.62 39.11
CA GLU A 240 -6.27 6.86 40.36
C GLU A 240 -6.84 7.76 41.44
N ASN A 241 -8.14 7.59 41.73
CA ASN A 241 -8.85 8.39 42.73
C ASN A 241 -8.74 9.88 42.42
N THR A 242 -9.17 10.25 41.22
CA THR A 242 -9.14 11.63 40.78
C THR A 242 -10.42 12.33 41.25
N LYS A 243 -10.28 13.41 41.99
CA LYS A 243 -11.41 14.13 42.57
C LYS A 243 -11.88 15.19 41.58
N ILE A 244 -13.00 14.93 40.92
CA ILE A 244 -13.54 15.82 39.90
C ILE A 244 -14.74 16.56 40.50
N PRO A 245 -14.69 17.88 40.64
CA PRO A 245 -15.87 18.61 41.13
C PRO A 245 -17.09 18.35 40.27
N VAL A 246 -18.25 18.30 40.92
CA VAL A 246 -19.49 17.94 40.25
C VAL A 246 -19.86 18.93 39.14
N GLU A 247 -19.34 20.16 39.22
CA GLU A 247 -19.59 21.15 38.18
C GLU A 247 -18.83 20.89 36.90
N ASN A 248 -17.82 20.02 36.93
CA ASN A 248 -17.03 19.69 35.75
C ASN A 248 -17.58 18.48 35.01
N ILE A 249 -18.87 18.53 34.67
CA ILE A 249 -19.54 17.47 33.93
C ILE A 249 -20.08 18.06 32.63
N LEU A 250 -19.76 17.43 31.51
CA LEU A 250 -20.18 17.92 30.21
C LEU A 250 -21.66 17.60 30.02
N GLY A 251 -22.49 18.62 30.09
CA GLY A 251 -23.92 18.45 29.90
C GLY A 251 -24.61 18.01 31.20
N GLU A 252 -25.15 16.80 31.19
CA GLU A 252 -25.84 16.24 32.34
C GLU A 252 -25.29 14.85 32.62
N VAL A 253 -25.38 14.43 33.90
CA VAL A 253 -24.90 13.11 34.27
C VAL A 253 -25.69 12.05 33.52
N GLY A 254 -24.98 11.07 32.97
CA GLY A 254 -25.57 10.07 32.13
C GLY A 254 -25.61 10.41 30.65
N ASP A 255 -25.43 11.69 30.31
CA ASP A 255 -25.41 12.12 28.91
C ASP A 255 -23.97 12.25 28.41
N GLY A 256 -23.28 11.11 28.39
CA GLY A 256 -21.91 11.08 27.92
C GLY A 256 -21.81 10.43 26.54
N PHE A 257 -22.73 9.52 26.25
CA PHE A 257 -22.76 8.89 24.94
C PHE A 257 -23.07 9.92 23.85
N LYS A 258 -24.03 10.82 24.12
CA LYS A 258 -24.36 11.87 23.16
C LYS A 258 -23.16 12.76 22.88
N VAL A 259 -22.47 13.19 23.94
CA VAL A 259 -21.30 14.05 23.77
C VAL A 259 -20.21 13.33 23.00
N ALA A 260 -19.94 12.07 23.34
CA ALA A 260 -18.91 11.31 22.63
C ALA A 260 -19.26 11.17 21.16
N MET A 261 -20.52 10.87 20.85
CA MET A 261 -20.94 10.75 19.46
C MET A 261 -20.75 12.07 18.73
N ASN A 262 -21.12 13.19 19.36
CA ASN A 262 -20.97 14.48 18.73
C ASN A 262 -19.50 14.77 18.42
N ILE A 263 -18.62 14.56 19.40
CA ILE A 263 -17.19 14.85 19.19
C ILE A 263 -16.63 13.97 18.10
N LEU A 264 -16.96 12.67 18.12
CA LEU A 264 -16.41 11.76 17.13
C LEU A 264 -16.90 12.09 15.72
N ASN A 265 -18.18 12.43 15.57
CA ASN A 265 -18.74 12.70 14.26
C ASN A 265 -18.43 14.10 13.74
N SER A 266 -18.03 15.04 14.60
CA SER A 266 -17.80 16.39 14.14
C SER A 266 -16.48 16.57 13.39
N GLY A 267 -15.49 15.73 13.66
CA GLY A 267 -14.13 16.03 13.23
C GLY A 267 -13.47 15.10 12.24
N ARG A 268 -14.19 14.65 11.21
CA ARG A 268 -13.60 13.80 10.19
C ARG A 268 -13.66 14.37 8.78
N PHE A 269 -14.33 15.51 8.57
CA PHE A 269 -14.51 16.01 7.21
C PHE A 269 -13.25 16.64 6.65
N SER A 270 -12.37 17.15 7.50
CA SER A 270 -11.24 17.94 7.05
C SER A 270 -10.03 17.11 6.62
N MET A 271 -10.08 15.78 6.80
CA MET A 271 -8.93 14.96 6.44
C MET A 271 -8.67 14.98 4.94
N GLY A 272 -9.72 15.05 4.13
CA GLY A 272 -9.54 15.00 2.68
C GLY A 272 -8.77 16.16 2.11
N SER A 273 -8.86 17.34 2.72
CA SER A 273 -8.05 18.48 2.30
C SER A 273 -6.66 18.47 2.94
N VAL A 274 -6.52 17.86 4.11
CA VAL A 274 -5.20 17.68 4.71
C VAL A 274 -4.32 16.85 3.80
N VAL A 275 -4.88 15.79 3.22
CA VAL A 275 -4.08 14.91 2.36
C VAL A 275 -4.00 15.46 0.95
N ALA A 276 -5.10 16.01 0.43
CA ALA A 276 -5.05 16.62 -0.90
C ALA A 276 -4.07 17.77 -0.95
N GLY A 277 -3.85 18.45 0.17
CA GLY A 277 -2.76 19.40 0.25
C GLY A 277 -1.38 18.78 0.32
N LEU A 278 -1.32 17.50 0.70
CA LEU A 278 -0.07 16.74 0.68
C LEU A 278 0.13 16.00 -0.64
N LEU A 279 -0.94 15.54 -1.27
CA LEU A 279 -0.82 14.95 -2.61
C LEU A 279 -0.32 15.98 -3.61
N LYS A 280 -0.84 17.21 -3.52
CA LYS A 280 -0.37 18.28 -4.40
C LYS A 280 1.11 18.58 -4.19
N ARG A 281 1.64 18.37 -2.99
CA ARG A 281 3.06 18.52 -2.77
C ARG A 281 3.86 17.40 -3.43
N LEU A 282 3.29 16.21 -3.53
CA LEU A 282 3.96 15.12 -4.20
C LEU A 282 3.98 15.29 -5.71
N ILE A 283 2.92 15.86 -6.29
CA ILE A 283 2.90 16.10 -7.73
C ILE A 283 3.86 17.21 -8.15
N GLU A 284 4.43 17.94 -7.18
CA GLU A 284 5.38 19.00 -7.50
C GLU A 284 6.83 18.54 -7.44
N MET A 285 7.23 17.82 -6.38
CA MET A 285 8.59 17.32 -6.30
C MET A 285 8.83 16.17 -7.27
N THR A 286 7.87 15.24 -7.33
CA THR A 286 8.03 14.09 -8.22
C THR A 286 8.00 14.50 -9.69
N ALA A 287 7.21 15.53 -10.03
CA ALA A 287 7.24 16.05 -11.39
C ALA A 287 8.61 16.64 -11.73
N GLU A 288 9.21 17.37 -10.79
CA GLU A 288 10.55 17.90 -11.02
C GLU A 288 11.55 16.77 -11.23
N TYR A 289 11.48 15.73 -10.40
CA TYR A 289 12.39 14.60 -10.55
C TYR A 289 12.19 13.89 -11.89
N ALA A 290 10.93 13.69 -12.29
CA ALA A 290 10.65 12.96 -13.52
C ALA A 290 10.93 13.79 -14.77
N CYS A 291 10.96 15.12 -14.64
CA CYS A 291 11.25 15.97 -15.78
C CYS A 291 12.72 16.36 -15.88
N THR A 292 13.49 16.21 -14.80
CA THR A 292 14.91 16.51 -14.83
C THR A 292 15.78 15.25 -14.92
N ARG A 293 15.19 14.09 -15.19
CA ARG A 293 15.92 12.83 -15.24
C ARG A 293 15.73 12.18 -16.60
N LYS A 294 16.80 11.53 -17.08
CA LYS A 294 16.81 10.87 -18.38
C LYS A 294 16.82 9.35 -18.19
N GLN A 295 16.08 8.67 -19.05
CA GLN A 295 16.15 7.21 -19.13
C GLN A 295 15.77 6.79 -20.54
N PHE A 296 16.61 5.94 -21.14
CA PHE A 296 16.44 5.49 -22.53
C PHE A 296 16.39 6.68 -23.48
N ASN A 297 17.24 7.67 -23.22
CA ASN A 297 17.32 8.90 -24.02
C ASN A 297 15.96 9.60 -24.09
N LYS A 298 15.23 9.59 -22.98
CA LYS A 298 13.92 10.23 -22.89
C LYS A 298 13.72 10.73 -21.47
N ARG A 299 12.82 11.70 -21.34
CA ARG A 299 12.38 12.13 -20.02
C ARG A 299 11.60 11.00 -19.35
N LEU A 300 11.65 10.96 -18.02
CA LEU A 300 10.76 10.07 -17.29
C LEU A 300 9.31 10.48 -17.46
N SER A 301 9.06 11.77 -17.69
CA SER A 301 7.71 12.27 -17.92
C SER A 301 7.14 11.82 -19.26
N GLU A 302 7.97 11.33 -20.17
CA GLU A 302 7.53 10.91 -21.48
C GLU A 302 7.15 9.44 -21.54
N PHE A 303 7.16 8.74 -20.42
CA PHE A 303 6.80 7.33 -20.36
C PHE A 303 5.38 7.18 -19.82
N GLY A 304 4.60 6.31 -20.47
CA GLY A 304 3.19 6.19 -20.13
C GLY A 304 2.93 5.74 -18.71
N LEU A 305 3.79 4.87 -18.17
CA LEU A 305 3.56 4.32 -16.85
C LEU A 305 3.89 5.30 -15.73
N ILE A 306 4.54 6.43 -16.03
CA ILE A 306 4.66 7.50 -15.05
C ILE A 306 3.56 8.53 -15.26
N GLN A 307 3.13 8.74 -16.49
CA GLN A 307 2.02 9.62 -16.78
C GLN A 307 0.74 9.11 -16.12
N GLU A 308 0.52 7.79 -16.13
CA GLU A 308 -0.65 7.24 -15.45
C GLU A 308 -0.59 7.52 -13.95
N LYS A 309 0.60 7.43 -13.35
CA LYS A 309 0.73 7.70 -11.93
C LYS A 309 0.42 9.17 -11.62
N PHE A 310 0.95 10.07 -12.43
CA PHE A 310 0.66 11.50 -12.21
C PHE A 310 -0.83 11.80 -12.39
N ALA A 311 -1.46 11.22 -13.41
CA ALA A 311 -2.87 11.45 -13.63
C ALA A 311 -3.71 10.87 -12.50
N LEU A 312 -3.34 9.71 -11.98
CA LEU A 312 -4.06 9.13 -10.86
C LEU A 312 -3.93 10.00 -9.61
N MET A 313 -2.72 10.50 -9.36
CA MET A 313 -2.52 11.38 -8.21
C MET A 313 -3.37 12.64 -8.33
N ALA A 314 -3.38 13.25 -9.53
CA ALA A 314 -4.16 14.47 -9.72
C ALA A 314 -5.66 14.21 -9.58
N GLN A 315 -6.15 13.10 -10.13
CA GLN A 315 -7.57 12.78 -10.01
C GLN A 315 -7.95 12.54 -8.55
N LYS A 316 -7.09 11.83 -7.81
CA LYS A 316 -7.36 11.60 -6.39
C LYS A 316 -7.42 12.92 -5.65
N ALA A 317 -6.45 13.81 -5.89
CA ALA A 317 -6.45 15.10 -5.20
C ALA A 317 -7.68 15.93 -5.53
N TYR A 318 -8.09 15.92 -6.80
CA TYR A 318 -9.28 16.66 -7.22
C TYR A 318 -10.52 16.16 -6.51
N VAL A 319 -10.71 14.83 -6.50
CA VAL A 319 -11.90 14.27 -5.86
C VAL A 319 -11.88 14.54 -4.36
N MET A 320 -10.70 14.44 -3.74
CA MET A 320 -10.57 14.69 -2.31
C MET A 320 -10.93 16.12 -1.96
N GLU A 321 -10.40 17.09 -2.71
CA GLU A 321 -10.73 18.48 -2.44
C GLU A 321 -12.21 18.75 -2.65
N SER A 322 -12.78 18.19 -3.72
CA SER A 322 -14.21 18.36 -3.96
C SER A 322 -15.04 17.83 -2.79
N MET A 323 -14.73 16.60 -2.35
CA MET A 323 -15.45 16.01 -1.23
C MET A 323 -15.33 16.86 0.02
N THR A 324 -14.10 17.28 0.36
CA THR A 324 -13.88 18.00 1.62
C THR A 324 -14.60 19.34 1.62
N TYR A 325 -14.50 20.10 0.52
CA TYR A 325 -15.13 21.40 0.51
C TYR A 325 -16.64 21.31 0.38
N LEU A 326 -17.15 20.28 -0.31
CA LEU A 326 -18.59 20.05 -0.33
C LEU A 326 -19.12 19.75 1.07
N THR A 327 -18.43 18.86 1.80
CA THR A 327 -18.87 18.52 3.15
C THR A 327 -18.77 19.73 4.07
N ALA A 328 -17.69 20.49 3.97
CA ALA A 328 -17.53 21.67 4.82
C ALA A 328 -18.55 22.75 4.48
N GLY A 329 -18.99 22.82 3.22
CA GLY A 329 -20.04 23.75 2.86
C GLY A 329 -21.40 23.32 3.33
N MET A 330 -21.67 22.02 3.36
CA MET A 330 -22.91 21.55 3.95
C MET A 330 -22.93 21.67 5.46
N LEU A 331 -21.75 21.70 6.10
CA LEU A 331 -21.67 21.89 7.55
C LEU A 331 -21.76 23.35 7.97
N ASP A 332 -21.63 24.29 7.03
CA ASP A 332 -21.68 25.71 7.34
C ASP A 332 -23.08 26.29 7.24
N GLN A 333 -24.08 25.47 6.95
CA GLN A 333 -25.45 25.97 6.87
C GLN A 333 -25.96 26.33 8.27
N PRO A 334 -26.86 27.31 8.37
CA PRO A 334 -27.42 27.68 9.68
C PRO A 334 -28.17 26.51 10.30
N GLY A 335 -28.10 26.42 11.62
CA GLY A 335 -28.69 25.31 12.34
C GLY A 335 -27.65 24.26 12.68
N PHE A 336 -28.01 22.98 12.52
CA PHE A 336 -27.10 21.87 12.80
C PHE A 336 -27.47 20.70 11.91
N PRO A 337 -26.83 20.57 10.76
CA PRO A 337 -27.11 19.42 9.89
C PRO A 337 -26.37 18.17 10.36
N ASP A 338 -27.01 17.02 10.15
CA ASP A 338 -26.46 15.74 10.57
C ASP A 338 -25.71 15.09 9.39
N CYS A 339 -24.63 15.76 9.00
CA CYS A 339 -23.77 15.26 7.92
C CYS A 339 -22.58 14.51 8.52
N SER A 340 -22.90 13.41 9.20
CA SER A 340 -21.88 12.55 9.79
C SER A 340 -21.45 11.41 8.90
N ILE A 341 -22.30 10.97 7.97
CA ILE A 341 -21.91 9.93 7.03
C ILE A 341 -20.89 10.47 6.03
N GLU A 342 -21.07 11.71 5.59
CA GLU A 342 -20.18 12.30 4.60
C GLU A 342 -18.77 12.48 5.15
N ALA A 343 -18.65 12.81 6.44
CA ALA A 343 -17.33 12.92 7.05
C ALA A 343 -16.61 11.57 7.04
N ALA A 344 -17.32 10.49 7.36
CA ALA A 344 -16.73 9.16 7.30
C ALA A 344 -16.34 8.79 5.87
N MET A 345 -17.17 9.17 4.90
CA MET A 345 -16.85 8.95 3.49
C MET A 345 -15.54 9.64 3.13
N VAL A 346 -15.41 10.92 3.51
CA VAL A 346 -14.22 11.68 3.21
C VAL A 346 -13.00 11.04 3.87
N LYS A 347 -13.16 10.62 5.13
CA LYS A 347 -12.04 10.00 5.83
C LYS A 347 -11.59 8.72 5.12
N VAL A 348 -12.53 7.86 4.77
CA VAL A 348 -12.18 6.57 4.15
C VAL A 348 -11.51 6.79 2.80
N PHE A 349 -12.14 7.60 1.94
CA PHE A 349 -11.60 7.85 0.61
C PHE A 349 -10.23 8.52 0.71
N SER A 350 -10.10 9.50 1.61
CA SER A 350 -8.85 10.21 1.75
C SER A 350 -7.73 9.30 2.23
N SER A 351 -8.01 8.44 3.22
CA SER A 351 -6.96 7.56 3.72
C SER A 351 -6.53 6.55 2.65
N GLU A 352 -7.49 5.96 1.93
CA GLU A 352 -7.14 4.99 0.90
C GLU A 352 -6.32 5.65 -0.21
N ALA A 353 -6.77 6.82 -0.69
CA ALA A 353 -6.05 7.53 -1.72
C ALA A 353 -4.68 7.96 -1.24
N ALA A 354 -4.57 8.39 0.01
CA ALA A 354 -3.29 8.78 0.58
C ALA A 354 -2.31 7.61 0.52
N TRP A 355 -2.72 6.45 1.03
CA TRP A 355 -1.80 5.31 1.04
C TRP A 355 -1.38 4.94 -0.38
N GLN A 356 -2.36 4.79 -1.28
CA GLN A 356 -2.04 4.35 -2.63
C GLN A 356 -1.14 5.34 -3.34
N CYS A 357 -1.49 6.63 -3.31
CA CYS A 357 -0.76 7.63 -4.05
C CYS A 357 0.64 7.86 -3.47
N VAL A 358 0.77 7.82 -2.13
CA VAL A 358 2.08 7.98 -1.53
C VAL A 358 2.99 6.83 -1.90
N SER A 359 2.49 5.60 -1.84
CA SER A 359 3.30 4.45 -2.23
C SER A 359 3.70 4.54 -3.70
N GLU A 360 2.77 4.94 -4.56
CA GLU A 360 3.05 4.99 -5.99
C GLU A 360 4.04 6.09 -6.33
N ALA A 361 3.91 7.26 -5.67
CA ALA A 361 4.88 8.34 -5.86
C ALA A 361 6.26 7.93 -5.39
N LEU A 362 6.35 7.24 -4.24
CA LEU A 362 7.64 6.72 -3.81
C LEU A 362 8.20 5.73 -4.82
N GLN A 363 7.31 4.96 -5.46
CA GLN A 363 7.77 4.03 -6.50
C GLN A 363 8.30 4.77 -7.73
N ILE A 364 7.79 5.97 -8.00
CA ILE A 364 8.26 6.71 -9.18
C ILE A 364 9.76 6.96 -9.10
N LEU A 365 10.24 7.38 -7.93
CA LEU A 365 11.67 7.69 -7.80
C LEU A 365 12.56 6.46 -7.77
N GLY A 366 11.99 5.26 -7.68
CA GLY A 366 12.81 4.07 -7.66
C GLY A 366 13.55 3.90 -6.34
N GLY A 367 14.81 3.50 -6.41
CA GLY A 367 15.59 3.26 -5.22
C GLY A 367 16.06 4.49 -4.48
N LEU A 368 15.96 5.67 -5.10
CA LEU A 368 16.36 6.88 -4.42
C LEU A 368 15.33 7.30 -3.38
N GLY A 369 14.05 6.97 -3.59
CA GLY A 369 13.02 7.29 -2.63
C GLY A 369 12.93 6.34 -1.46
N TYR A 370 13.68 5.25 -1.48
CA TYR A 370 13.68 4.27 -0.40
C TYR A 370 14.68 4.63 0.71
N THR A 371 15.49 5.66 0.51
CA THR A 371 16.47 6.08 1.50
C THR A 371 15.89 7.19 2.37
N ARG A 372 16.58 7.46 3.47
CA ARG A 372 16.14 8.46 4.44
C ARG A 372 16.66 9.86 4.12
N ASP A 373 17.33 10.04 2.99
CA ASP A 373 17.79 11.35 2.55
C ASP A 373 16.78 12.06 1.67
N TYR A 374 15.61 11.48 1.45
CA TYR A 374 14.57 12.07 0.61
C TYR A 374 13.27 12.15 1.39
N PRO A 375 12.44 13.15 1.11
CA PRO A 375 11.18 13.32 1.87
C PRO A 375 10.04 12.46 1.34
N TYR A 376 10.31 11.18 1.09
CA TYR A 376 9.28 10.22 0.71
C TYR A 376 9.21 9.03 1.65
N GLU A 377 10.34 8.62 2.23
CA GLU A 377 10.34 7.65 3.32
C GLU A 377 9.53 8.15 4.50
N ARG A 378 9.79 9.39 4.94
CA ARG A 378 9.07 9.95 6.06
C ARG A 378 7.58 10.12 5.75
N ILE A 379 7.26 10.58 4.54
CA ILE A 379 5.86 10.72 4.16
C ILE A 379 5.19 9.35 4.07
N LEU A 380 5.91 8.35 3.57
CA LEU A 380 5.35 7.00 3.48
C LEU A 380 5.00 6.47 4.87
N ARG A 381 5.88 6.69 5.85
CA ARG A 381 5.56 6.25 7.20
C ARG A 381 4.45 7.06 7.84
N ASP A 382 4.34 8.35 7.49
CA ASP A 382 3.39 9.23 8.17
C ASP A 382 1.95 8.97 7.75
N THR A 383 1.72 8.63 6.48
CA THR A 383 0.36 8.48 5.98
C THR A 383 -0.24 7.11 6.27
N ARG A 384 0.51 6.23 6.94
CA ARG A 384 -0.05 4.93 7.30
C ARG A 384 -1.00 5.04 8.49
N ILE A 385 -0.75 5.99 9.40
CA ILE A 385 -1.64 6.20 10.53
C ILE A 385 -3.00 6.74 10.08
N LEU A 386 -3.06 7.31 8.87
CA LEU A 386 -4.30 7.89 8.37
C LEU A 386 -5.40 6.84 8.20
N LEU A 387 -5.05 5.58 8.05
CA LEU A 387 -6.03 4.51 7.99
C LEU A 387 -6.45 4.02 9.37
N ILE A 388 -5.84 4.55 10.43
CA ILE A 388 -6.17 4.21 11.80
C ILE A 388 -6.62 5.42 12.60
N PHE A 389 -5.92 6.55 12.45
CA PHE A 389 -6.28 7.78 13.14
C PHE A 389 -7.69 8.23 12.79
N GLU A 390 -8.46 8.62 13.81
CA GLU A 390 -9.85 9.05 13.65
C GLU A 390 -10.72 7.95 13.05
N GLY A 391 -10.76 6.81 13.71
CA GLY A 391 -11.60 5.71 13.29
C GLY A 391 -10.95 4.81 12.25
N THR A 392 -11.00 3.51 12.49
CA THR A 392 -10.44 2.56 11.54
C THR A 392 -11.31 2.50 10.28
N ASN A 393 -10.67 2.31 9.12
CA ASN A 393 -11.38 2.40 7.86
C ASN A 393 -12.46 1.35 7.70
N GLU A 394 -12.30 0.17 8.30
CA GLU A 394 -13.33 -0.86 8.19
C GLU A 394 -14.45 -0.70 9.21
N ILE A 395 -14.21 0.02 10.31
CA ILE A 395 -15.30 0.39 11.20
C ILE A 395 -16.19 1.43 10.55
N LEU A 396 -15.59 2.38 9.82
CA LEU A 396 -16.36 3.49 9.26
C LEU A 396 -17.24 3.03 8.10
N ARG A 397 -16.83 2.00 7.36
CA ARG A 397 -17.71 1.45 6.33
C ARG A 397 -18.98 0.89 6.94
N MET A 398 -18.84 0.14 8.03
CA MET A 398 -20.02 -0.34 8.75
C MET A 398 -20.84 0.81 9.30
N TYR A 399 -20.18 1.85 9.82
CA TYR A 399 -20.90 3.02 10.30
C TYR A 399 -21.75 3.63 9.18
N ILE A 400 -21.14 3.85 8.02
CA ILE A 400 -21.85 4.46 6.89
C ILE A 400 -23.03 3.59 6.49
N ALA A 401 -22.77 2.30 6.26
CA ALA A 401 -23.81 1.41 5.75
C ALA A 401 -24.96 1.29 6.74
N LEU A 402 -24.66 1.10 8.02
CA LEU A 402 -25.71 0.90 9.01
C LEU A 402 -26.48 2.19 9.27
N THR A 403 -25.78 3.34 9.32
CA THR A 403 -26.47 4.60 9.53
C THR A 403 -27.40 4.93 8.37
N GLY A 404 -27.00 4.61 7.14
CA GLY A 404 -27.90 4.82 6.03
C GLY A 404 -29.04 3.83 5.97
N LEU A 405 -28.75 2.57 6.28
CA LEU A 405 -29.78 1.54 6.20
C LEU A 405 -30.81 1.68 7.31
N GLN A 406 -30.44 2.27 8.45
CA GLN A 406 -31.43 2.55 9.48
C GLN A 406 -32.46 3.56 9.00
N HIS A 407 -31.99 4.65 8.38
CA HIS A 407 -32.90 5.64 7.81
C HIS A 407 -33.76 5.04 6.70
N ALA A 408 -33.13 4.25 5.83
CA ALA A 408 -33.88 3.59 4.77
C ALA A 408 -34.92 2.65 5.34
N GLY A 409 -34.59 1.94 6.42
CA GLY A 409 -35.54 1.04 7.04
C GLY A 409 -36.72 1.79 7.63
N ARG A 410 -36.46 2.91 8.32
CA ARG A 410 -37.57 3.71 8.82
C ARG A 410 -38.48 4.14 7.69
N ILE A 411 -37.90 4.65 6.60
CA ILE A 411 -38.71 5.15 5.48
C ILE A 411 -39.53 4.03 4.85
N LEU A 412 -38.90 2.88 4.61
CA LEU A 412 -39.62 1.75 4.00
C LEU A 412 -40.70 1.21 4.92
N THR A 413 -40.44 1.11 6.23
CA THR A 413 -41.48 0.64 7.14
C THR A 413 -42.65 1.61 7.20
N THR A 414 -42.36 2.92 7.22
CA THR A 414 -43.44 3.91 7.22
C THR A 414 -44.26 3.82 5.96
N ARG A 415 -43.61 3.66 4.80
CA ARG A 415 -44.33 3.56 3.54
C ARG A 415 -45.16 2.28 3.47
N ILE A 416 -44.60 1.16 3.95
CA ILE A 416 -45.28 -0.13 3.85
C ILE A 416 -46.48 -0.19 4.78
N HIS A 417 -46.33 0.28 6.02
CA HIS A 417 -47.39 0.13 7.00
C HIS A 417 -48.65 0.90 6.63
N HIS A 451 -31.16 16.53 -13.75
CA HIS A 451 -29.74 16.83 -13.76
C HIS A 451 -29.45 18.08 -14.57
N GLY A 452 -30.36 19.05 -14.49
CA GLY A 452 -30.20 20.31 -15.20
C GLY A 452 -29.30 21.32 -14.54
N VAL A 453 -28.60 20.93 -13.47
CA VAL A 453 -27.69 21.83 -12.79
C VAL A 453 -26.29 21.68 -13.39
N VAL A 454 -25.94 20.45 -13.76
CA VAL A 454 -24.63 20.20 -14.36
C VAL A 454 -24.54 20.87 -15.73
N HIS A 455 -23.33 21.23 -16.12
CA HIS A 455 -23.11 21.85 -17.41
C HIS A 455 -23.34 20.83 -18.53
N PRO A 456 -23.84 21.26 -19.68
CA PRO A 456 -24.08 20.31 -20.78
C PRO A 456 -22.84 19.54 -21.22
N SER A 457 -21.64 20.08 -21.01
CA SER A 457 -20.43 19.30 -21.30
C SER A 457 -20.29 18.11 -20.35
N LEU A 458 -20.79 18.25 -19.12
CA LEU A 458 -20.81 17.16 -18.15
C LEU A 458 -22.15 16.40 -18.20
N ALA A 459 -22.55 15.99 -19.40
CA ALA A 459 -23.80 15.26 -19.56
C ALA A 459 -23.63 13.76 -19.59
N ASP A 460 -22.46 13.27 -20.04
CA ASP A 460 -22.21 11.85 -20.06
C ASP A 460 -21.91 11.29 -18.67
N SER A 461 -21.57 12.15 -17.71
CA SER A 461 -21.24 11.72 -16.37
C SER A 461 -22.37 11.92 -15.36
N ALA A 462 -23.32 12.82 -15.64
CA ALA A 462 -24.47 12.98 -14.77
C ALA A 462 -25.49 11.87 -14.98
N ASN A 463 -25.65 11.39 -16.21
CA ASN A 463 -26.55 10.27 -16.46
C ASN A 463 -26.06 9.01 -15.76
N LYS A 464 -24.76 8.77 -15.78
CA LYS A 464 -24.20 7.63 -15.06
C LYS A 464 -24.47 7.76 -13.56
N PHE A 465 -24.29 8.96 -13.01
CA PHE A 465 -24.55 9.16 -11.60
C PHE A 465 -26.01 8.91 -11.24
N GLU A 466 -26.94 9.40 -12.08
CA GLU A 466 -28.35 9.17 -11.81
C GLU A 466 -28.71 7.70 -11.90
N GLU A 467 -28.19 7.01 -12.92
CA GLU A 467 -28.48 5.58 -13.06
C GLU A 467 -27.93 4.80 -11.89
N ASN A 468 -26.70 5.11 -11.46
CA ASN A 468 -26.12 4.43 -10.30
C ASN A 468 -26.91 4.72 -9.03
N THR A 469 -27.38 5.95 -8.85
CA THR A 469 -28.18 6.27 -7.67
C THR A 469 -29.49 5.49 -7.67
N TYR A 470 -30.17 5.41 -8.81
CA TYR A 470 -31.41 4.65 -8.88
C TYR A 470 -31.18 3.17 -8.61
N CYS A 471 -30.12 2.61 -9.20
CA CYS A 471 -29.81 1.20 -8.97
C CYS A 471 -29.43 0.96 -7.52
N PHE A 472 -28.71 1.90 -6.90
CA PHE A 472 -28.36 1.76 -5.49
C PHE A 472 -29.60 1.79 -4.61
N GLY A 473 -30.56 2.66 -4.91
CA GLY A 473 -31.80 2.68 -4.15
C GLY A 473 -32.56 1.37 -4.28
N ARG A 474 -32.68 0.86 -5.50
CA ARG A 474 -33.36 -0.42 -5.70
C ARG A 474 -32.67 -1.55 -4.97
N THR A 475 -31.33 -1.61 -5.05
CA THR A 475 -30.58 -2.66 -4.39
C THR A 475 -30.68 -2.56 -2.88
N VAL A 476 -30.67 -1.34 -2.33
CA VAL A 476 -30.82 -1.17 -0.88
C VAL A 476 -32.19 -1.63 -0.43
N GLU A 477 -33.23 -1.30 -1.20
CA GLU A 477 -34.57 -1.79 -0.87
C GLU A 477 -34.62 -3.31 -0.88
N THR A 478 -34.01 -3.92 -1.91
CA THR A 478 -33.99 -5.38 -1.99
C THR A 478 -33.23 -6.00 -0.82
N LEU A 479 -32.09 -5.42 -0.45
CA LEU A 479 -31.30 -5.93 0.66
C LEU A 479 -32.07 -5.82 1.97
N LEU A 480 -32.74 -4.69 2.20
CA LEU A 480 -33.52 -4.52 3.42
C LEU A 480 -34.67 -5.49 3.48
N LEU A 481 -35.32 -5.74 2.34
CA LEU A 481 -36.42 -6.71 2.32
C LEU A 481 -35.92 -8.13 2.59
N ARG A 482 -34.83 -8.53 1.94
CA ARG A 482 -34.35 -9.90 2.05
C ARG A 482 -33.73 -10.17 3.41
N PHE A 483 -32.85 -9.28 3.88
CA PHE A 483 -32.09 -9.52 5.09
C PHE A 483 -32.80 -9.06 6.35
N GLY A 484 -33.36 -7.84 6.34
CA GLY A 484 -33.93 -7.33 7.58
C GLY A 484 -32.86 -7.12 8.63
N LYS A 485 -33.22 -7.43 9.87
CA LYS A 485 -32.29 -7.26 10.99
C LYS A 485 -31.03 -8.09 10.84
N THR A 486 -31.04 -9.12 9.99
CA THR A 486 -29.86 -9.92 9.74
C THR A 486 -28.75 -9.11 9.05
N ILE A 487 -29.11 -7.99 8.40
CA ILE A 487 -28.12 -7.17 7.71
C ILE A 487 -27.04 -6.68 8.66
N MET A 488 -27.32 -6.70 9.96
CA MET A 488 -26.31 -6.31 10.95
C MET A 488 -25.10 -7.24 10.91
N GLU A 489 -25.32 -8.54 10.70
CA GLU A 489 -24.23 -9.50 10.74
C GLU A 489 -23.44 -9.54 9.43
N GLU A 490 -24.09 -9.33 8.29
CA GLU A 490 -23.42 -9.43 7.00
C GLU A 490 -22.48 -8.26 6.78
N GLN A 491 -21.21 -8.41 7.11
CA GLN A 491 -20.24 -7.34 6.99
C GLN A 491 -19.64 -7.21 5.60
N LEU A 492 -19.91 -8.15 4.70
CA LEU A 492 -19.43 -8.05 3.32
C LEU A 492 -20.41 -7.34 2.41
N VAL A 493 -21.71 -7.42 2.71
CA VAL A 493 -22.70 -6.62 1.99
C VAL A 493 -22.56 -5.14 2.36
N LEU A 494 -22.37 -4.85 3.65
CA LEU A 494 -22.23 -3.47 4.09
C LEU A 494 -20.99 -2.81 3.52
N LYS A 495 -19.90 -3.58 3.33
CA LYS A 495 -18.72 -3.01 2.71
C LYS A 495 -19.00 -2.56 1.28
N ARG A 496 -19.71 -3.38 0.51
CA ARG A 496 -20.05 -3.00 -0.85
C ARG A 496 -20.99 -1.79 -0.87
N VAL A 497 -21.96 -1.76 0.06
CA VAL A 497 -22.86 -0.61 0.14
C VAL A 497 -22.09 0.66 0.44
N ALA A 498 -21.17 0.59 1.40
CA ALA A 498 -20.36 1.76 1.75
C ALA A 498 -19.51 2.20 0.58
N ASN A 499 -18.92 1.25 -0.15
CA ASN A 499 -18.09 1.59 -1.30
C ASN A 499 -18.92 2.30 -2.39
N ILE A 500 -20.11 1.76 -2.68
CA ILE A 500 -20.96 2.39 -3.69
C ILE A 500 -21.35 3.80 -3.26
N LEU A 501 -21.69 3.97 -1.98
CA LEU A 501 -22.08 5.29 -1.50
C LEU A 501 -20.92 6.27 -1.54
N ILE A 502 -19.72 5.82 -1.21
CA ILE A 502 -18.54 6.68 -1.28
C ILE A 502 -18.29 7.11 -2.72
N ASN A 503 -18.43 6.18 -3.66
CA ASN A 503 -18.25 6.52 -5.07
C ASN A 503 -19.31 7.51 -5.53
N LEU A 504 -20.56 7.34 -5.08
CA LEU A 504 -21.62 8.28 -5.45
C LEU A 504 -21.31 9.67 -4.91
N TYR A 505 -20.84 9.75 -3.67
CA TYR A 505 -20.45 11.05 -3.11
C TYR A 505 -19.32 11.69 -3.90
N GLY A 506 -18.33 10.89 -4.29
CA GLY A 506 -17.26 11.43 -5.12
C GLY A 506 -17.76 11.96 -6.45
N MET A 507 -18.65 11.21 -7.09
CA MET A 507 -19.20 11.65 -8.38
C MET A 507 -19.96 12.96 -8.23
N THR A 508 -20.82 13.06 -7.22
CA THR A 508 -21.59 14.29 -7.08
C THR A 508 -20.70 15.48 -6.73
N ALA A 509 -19.68 15.26 -5.88
CA ALA A 509 -18.78 16.35 -5.52
C ALA A 509 -18.01 16.84 -6.74
N VAL A 510 -17.45 15.93 -7.53
CA VAL A 510 -16.68 16.36 -8.69
C VAL A 510 -17.59 16.99 -9.75
N LEU A 511 -18.82 16.49 -9.90
CA LEU A 511 -19.74 17.11 -10.84
C LEU A 511 -20.08 18.53 -10.42
N SER A 512 -20.36 18.75 -9.13
CA SER A 512 -20.66 20.10 -8.66
C SER A 512 -19.47 21.03 -8.88
N ARG A 513 -18.27 20.58 -8.53
CA ARG A 513 -17.10 21.45 -8.67
C ARG A 513 -16.83 21.77 -10.13
N ALA A 514 -16.91 20.77 -11.01
CA ALA A 514 -16.66 21.02 -12.43
C ALA A 514 -17.72 21.94 -13.03
N SER A 515 -18.98 21.75 -12.66
CA SER A 515 -20.03 22.63 -13.16
C SER A 515 -19.80 24.07 -12.71
N ARG A 516 -19.44 24.25 -11.44
CA ARG A 516 -19.15 25.61 -10.96
C ARG A 516 -17.97 26.21 -11.69
N SER A 517 -16.92 25.43 -11.93
CA SER A 517 -15.74 25.93 -12.62
C SER A 517 -16.08 26.35 -14.05
N ILE A 518 -16.89 25.55 -14.76
CA ILE A 518 -17.30 25.94 -16.11
C ILE A 518 -18.15 27.20 -16.08
N ARG A 519 -19.11 27.25 -15.15
CA ARG A 519 -20.05 28.37 -15.12
C ARG A 519 -19.34 29.68 -14.83
N ILE A 520 -18.55 29.73 -13.75
CA ILE A 520 -17.84 30.95 -13.41
C ILE A 520 -16.75 31.25 -14.43
N GLY A 521 -16.07 30.21 -14.92
CA GLY A 521 -15.02 30.39 -15.90
C GLY A 521 -13.65 30.53 -15.27
N LEU A 522 -13.32 29.64 -14.34
CA LEU A 522 -12.02 29.67 -13.70
C LEU A 522 -10.93 29.28 -14.68
N ARG A 523 -9.69 29.60 -14.33
CA ARG A 523 -8.56 29.23 -15.15
C ARG A 523 -8.38 27.72 -15.17
N ASN A 524 -8.12 27.18 -16.35
CA ASN A 524 -7.90 25.74 -16.55
C ASN A 524 -9.07 24.92 -16.01
N HIS A 525 -10.25 25.16 -16.59
CA HIS A 525 -11.42 24.37 -16.24
C HIS A 525 -11.58 23.14 -17.13
N ASP A 526 -10.92 23.11 -18.28
CA ASP A 526 -10.93 21.90 -19.11
C ASP A 526 -10.22 20.76 -18.42
N HIS A 527 -9.13 21.05 -17.69
CA HIS A 527 -8.46 20.03 -16.90
C HIS A 527 -9.38 19.49 -15.81
N GLU A 528 -10.14 20.38 -15.17
CA GLU A 528 -11.11 19.94 -14.17
C GLU A 528 -12.17 19.05 -14.80
N VAL A 529 -12.66 19.42 -15.99
CA VAL A 529 -13.66 18.60 -16.66
C VAL A 529 -13.10 17.23 -17.01
N LEU A 530 -11.86 17.19 -17.49
CA LEU A 530 -11.23 15.91 -17.81
C LEU A 530 -11.11 15.02 -16.59
N LEU A 531 -10.65 15.59 -15.47
CA LEU A 531 -10.52 14.82 -14.24
C LEU A 531 -11.89 14.32 -13.76
N ALA A 532 -12.89 15.19 -13.80
CA ALA A 532 -14.23 14.80 -13.36
C ALA A 532 -14.80 13.69 -14.21
N ASN A 533 -14.65 13.79 -15.53
CA ASN A 533 -15.17 12.76 -16.42
C ASN A 533 -14.45 11.44 -16.22
N THR A 534 -13.13 11.47 -16.07
CA THR A 534 -12.38 10.23 -15.86
C THR A 534 -12.79 9.55 -14.56
N PHE A 535 -12.89 10.33 -13.47
CA PHE A 535 -13.29 9.74 -12.20
C PHE A 535 -14.72 9.22 -12.26
N CYS A 536 -15.62 9.94 -12.93
CA CYS A 536 -17.00 9.50 -13.03
C CYS A 536 -17.09 8.18 -13.80
N VAL A 537 -16.33 8.03 -14.88
CA VAL A 537 -16.33 6.78 -15.63
C VAL A 537 -15.82 5.63 -14.76
N GLU A 538 -14.69 5.86 -14.08
CA GLU A 538 -14.12 4.80 -13.24
C GLU A 538 -15.08 4.40 -12.13
N ALA A 539 -15.66 5.40 -11.45
CA ALA A 539 -16.58 5.12 -10.36
C ALA A 539 -17.85 4.43 -10.86
N TYR A 540 -18.32 4.81 -12.04
CA TYR A 540 -19.49 4.14 -12.60
C TYR A 540 -19.21 2.67 -12.86
N LEU A 541 -18.04 2.36 -13.42
CA LEU A 541 -17.71 0.95 -13.64
C LEU A 541 -17.61 0.19 -12.32
N GLN A 542 -16.96 0.78 -11.32
CA GLN A 542 -16.82 0.12 -10.03
C GLN A 542 -18.18 -0.12 -9.39
N ASN A 543 -19.06 0.88 -9.44
CA ASN A 543 -20.39 0.73 -8.85
C ASN A 543 -21.23 -0.26 -9.61
N LEU A 544 -21.08 -0.33 -10.93
CA LEU A 544 -21.79 -1.34 -11.71
C LEU A 544 -21.38 -2.74 -11.27
N PHE A 545 -20.08 -2.97 -11.10
CA PHE A 545 -19.61 -4.27 -10.62
C PHE A 545 -20.16 -4.56 -9.22
N SER A 546 -20.07 -3.59 -8.31
CA SER A 546 -20.50 -3.81 -6.94
C SER A 546 -21.99 -4.10 -6.86
N LEU A 547 -22.80 -3.37 -7.63
CA LEU A 547 -24.24 -3.62 -7.64
C LEU A 547 -24.58 -4.94 -8.32
N SER A 548 -23.75 -5.38 -9.26
CA SER A 548 -23.92 -6.71 -9.82
C SER A 548 -23.62 -7.79 -8.79
N GLN A 549 -22.69 -7.52 -7.87
CA GLN A 549 -22.33 -8.48 -6.84
C GLN A 549 -23.28 -8.47 -5.64
N LEU A 550 -24.30 -7.62 -5.64
CA LEU A 550 -25.24 -7.51 -4.52
C LEU A 550 -26.58 -8.16 -4.84
N ASP A 551 -26.58 -9.29 -5.53
CA ASP A 551 -27.81 -9.98 -5.91
C ASP A 551 -27.74 -11.44 -5.45
N LYS A 552 -28.93 -12.04 -5.29
CA LYS A 552 -29.00 -13.42 -4.83
C LYS A 552 -28.40 -14.38 -5.85
N TYR A 553 -28.64 -14.13 -7.13
CA TYR A 553 -28.22 -15.03 -8.21
C TYR A 553 -26.98 -14.52 -8.92
N ALA A 554 -26.06 -13.90 -8.19
CA ALA A 554 -24.84 -13.37 -8.78
C ALA A 554 -23.73 -14.41 -8.68
N PRO A 555 -23.25 -14.96 -9.81
CA PRO A 555 -22.12 -15.89 -9.74
C PRO A 555 -20.77 -15.21 -9.52
N GLU A 556 -20.69 -13.89 -9.72
CA GLU A 556 -19.48 -13.13 -9.42
C GLU A 556 -19.27 -12.93 -7.92
N ASN A 557 -20.27 -13.25 -7.11
CA ASN A 557 -20.21 -13.02 -5.67
C ASN A 557 -19.46 -14.17 -5.00
N LEU A 558 -18.32 -13.85 -4.41
CA LEU A 558 -17.54 -14.82 -3.64
C LEU A 558 -17.57 -14.37 -2.18
N ASP A 559 -18.62 -14.77 -1.47
CA ASP A 559 -18.69 -14.56 -0.03
C ASP A 559 -19.16 -15.78 0.75
N GLU A 560 -19.86 -16.73 0.13
CA GLU A 560 -20.05 -18.02 0.79
C GLU A 560 -18.81 -18.89 0.74
N GLN A 561 -17.88 -18.59 -0.17
CA GLN A 561 -16.61 -19.30 -0.28
C GLN A 561 -15.51 -18.65 0.54
N ILE A 562 -15.54 -17.33 0.69
CA ILE A 562 -14.58 -16.65 1.54
C ILE A 562 -14.81 -17.00 3.00
N LYS A 563 -16.08 -17.12 3.40
CA LYS A 563 -16.38 -17.45 4.79
C LYS A 563 -15.86 -18.81 5.17
N LYS A 564 -16.03 -19.82 4.29
CA LYS A 564 -15.54 -21.16 4.60
C LYS A 564 -14.02 -21.18 4.74
N VAL A 565 -13.32 -20.55 3.79
CA VAL A 565 -11.86 -20.55 3.82
C VAL A 565 -11.35 -19.85 5.07
N SER A 566 -11.91 -18.68 5.36
CA SER A 566 -11.49 -17.93 6.54
C SER A 566 -11.82 -18.66 7.84
N GLN A 567 -12.98 -19.32 7.91
CA GLN A 567 -13.34 -20.07 9.10
C GLN A 567 -12.38 -21.23 9.32
N GLN A 568 -12.02 -21.96 8.25
CA GLN A 568 -11.04 -23.04 8.40
C GLN A 568 -9.69 -22.50 8.87
N ILE A 569 -9.24 -21.40 8.27
CA ILE A 569 -7.96 -20.82 8.65
C ILE A 569 -7.97 -20.41 10.11
N LEU A 570 -9.05 -19.76 10.55
CA LEU A 570 -9.10 -19.24 11.91
C LEU A 570 -9.32 -20.32 12.95
N GLU A 571 -9.99 -21.42 12.58
CA GLU A 571 -10.10 -22.53 13.53
C GLU A 571 -8.79 -23.30 13.63
N LYS A 572 -7.99 -23.33 12.56
CA LYS A 572 -6.65 -23.88 12.68
C LYS A 572 -5.63 -22.84 13.14
N ARG A 573 -5.94 -21.55 12.97
CA ARG A 573 -5.06 -20.44 13.38
C ARG A 573 -3.72 -20.48 12.66
N ALA A 574 -3.70 -20.99 11.44
CA ALA A 574 -2.48 -21.09 10.66
C ALA A 574 -2.87 -21.40 9.21
N TYR A 575 -1.88 -21.30 8.33
CA TYR A 575 -2.08 -21.67 6.93
C TYR A 575 -2.34 -23.17 6.82
N ILE A 576 -3.33 -23.54 6.03
CA ILE A 576 -3.84 -24.91 6.00
C ILE A 576 -3.22 -25.72 4.86
N CYS A 577 -3.16 -25.15 3.67
CA CYS A 577 -2.72 -25.89 2.49
C CYS A 577 -1.31 -26.43 2.69
N ALA A 578 -1.10 -27.69 2.31
CA ALA A 578 0.19 -28.33 2.46
C ALA A 578 1.19 -27.76 1.46
N HIS A 579 2.46 -28.07 1.70
CA HIS A 579 3.51 -27.60 0.81
C HIS A 579 3.38 -28.25 -0.56
N PRO A 580 3.75 -27.53 -1.63
CA PRO A 580 3.67 -28.12 -2.97
C PRO A 580 4.58 -29.32 -3.15
N LEU A 581 5.59 -29.48 -2.31
CA LEU A 581 6.49 -30.62 -2.38
C LEU A 581 6.03 -31.80 -1.52
N ASP A 582 4.91 -31.66 -0.83
CA ASP A 582 4.42 -32.74 0.03
C ASP A 582 4.02 -33.95 -0.80
N ARG A 583 4.21 -35.13 -0.21
CA ARG A 583 3.89 -36.39 -0.85
C ARG A 583 3.05 -37.24 0.10
N THR A 584 2.20 -38.09 -0.48
CA THR A 584 1.36 -39.01 0.28
C THR A 584 1.49 -40.41 -0.30
N CYS A 585 1.71 -41.39 0.57
CA CYS A 585 1.84 -42.77 0.16
C CYS A 585 0.52 -43.33 -0.35
N ALA B 2 8.91 -21.98 -24.59
CA ALA B 2 8.59 -21.98 -23.17
C ALA B 2 7.11 -22.29 -22.97
N PHE B 3 6.49 -21.59 -22.02
CA PHE B 3 5.05 -21.74 -21.78
C PHE B 3 4.32 -20.42 -21.97
N ALA B 4 4.89 -19.33 -21.45
CA ALA B 4 4.25 -18.02 -21.54
C ALA B 4 4.32 -17.44 -22.94
N LYS B 5 5.38 -17.72 -23.69
CA LYS B 5 5.52 -17.16 -25.02
C LYS B 5 4.46 -17.69 -25.98
N GLU B 6 4.00 -18.92 -25.77
CA GLU B 6 2.93 -19.48 -26.59
C GLU B 6 1.55 -19.07 -26.14
N LEU B 7 1.43 -18.43 -24.97
CA LEU B 7 0.13 -17.90 -24.57
C LEU B 7 -0.29 -16.73 -25.44
N PHE B 8 0.68 -15.99 -25.99
CA PHE B 8 0.37 -14.90 -26.92
C PHE B 8 -0.24 -15.40 -28.22
N LEU B 9 -0.04 -16.67 -28.56
CA LEU B 9 -0.59 -17.25 -29.76
C LEU B 9 -1.94 -17.91 -29.52
N GLY B 10 -2.49 -17.80 -28.32
CA GLY B 10 -3.79 -18.37 -28.02
C GLY B 10 -3.82 -19.87 -27.86
N LYS B 11 -2.68 -20.49 -27.55
CA LYS B 11 -2.59 -21.93 -27.35
C LYS B 11 -2.07 -22.20 -25.95
N ILE B 12 -2.64 -23.21 -25.30
CA ILE B 12 -2.20 -23.63 -23.98
C ILE B 12 -1.23 -24.80 -24.16
N LYS B 13 0.01 -24.60 -23.74
CA LYS B 13 1.05 -25.64 -23.90
C LYS B 13 1.03 -26.51 -22.65
N LYS B 14 0.29 -27.61 -22.72
CA LYS B 14 0.24 -28.59 -21.64
C LYS B 14 1.48 -29.47 -21.67
N LYS B 15 1.46 -30.57 -20.92
CA LYS B 15 2.53 -31.56 -20.78
C LYS B 15 3.81 -30.92 -20.27
N GLU B 16 3.75 -29.63 -19.97
CA GLU B 16 4.84 -28.87 -19.37
C GLU B 16 4.44 -28.16 -18.09
N VAL B 17 3.16 -27.82 -17.94
CA VAL B 17 2.68 -27.03 -16.81
C VAL B 17 1.70 -27.81 -15.94
N PHE B 18 0.81 -28.59 -16.55
CA PHE B 18 -0.32 -29.13 -15.81
C PHE B 18 0.07 -30.32 -14.93
N PRO B 19 0.91 -31.26 -15.40
CA PRO B 19 1.47 -32.23 -14.45
C PRO B 19 2.46 -31.52 -13.53
N PHE B 20 2.05 -31.29 -12.28
CA PHE B 20 2.82 -30.43 -11.41
C PHE B 20 4.18 -31.07 -11.09
N PRO B 21 5.23 -30.27 -10.96
CA PRO B 21 6.56 -30.82 -10.65
C PRO B 21 6.57 -31.73 -9.43
N GLU B 22 6.92 -32.99 -9.63
CA GLU B 22 7.00 -33.98 -8.56
C GLU B 22 8.45 -34.15 -8.13
N VAL B 23 8.67 -34.16 -6.83
CA VAL B 23 10.00 -34.36 -6.24
C VAL B 23 10.05 -35.78 -5.68
N SER B 24 11.13 -36.49 -5.99
CA SER B 24 11.27 -37.87 -5.53
C SER B 24 11.37 -37.92 -4.01
N GLN B 25 10.99 -39.07 -3.45
CA GLN B 25 10.99 -39.25 -2.00
C GLN B 25 12.40 -39.13 -1.44
N ASP B 26 13.40 -39.60 -2.19
CA ASP B 26 14.78 -39.51 -1.71
C ASP B 26 15.24 -38.06 -1.60
N GLU B 27 14.85 -37.22 -2.55
CA GLU B 27 15.25 -35.82 -2.54
C GLU B 27 14.58 -35.03 -1.43
N LEU B 28 13.32 -35.34 -1.11
CA LEU B 28 12.61 -34.63 -0.06
C LEU B 28 13.26 -34.87 1.30
N ASN B 29 13.70 -36.10 1.55
CA ASN B 29 14.34 -36.40 2.84
C ASN B 29 15.62 -35.61 3.02
N GLU B 30 16.43 -35.48 1.96
CA GLU B 30 17.65 -34.70 2.04
C GLU B 30 17.37 -33.24 2.34
N ILE B 31 16.37 -32.65 1.66
CA ILE B 31 16.08 -31.25 1.90
C ILE B 31 15.51 -31.03 3.29
N ASN B 32 14.72 -31.98 3.80
CA ASN B 32 14.23 -31.85 5.17
C ASN B 32 15.37 -31.95 6.17
N GLN B 33 16.29 -32.87 5.94
CA GLN B 33 17.46 -33.01 6.82
C GLN B 33 18.30 -31.74 6.82
N PHE B 34 18.40 -31.08 5.66
CA PHE B 34 19.13 -29.82 5.61
C PHE B 34 18.35 -28.70 6.30
N LEU B 35 17.04 -28.62 6.06
CA LEU B 35 16.22 -27.55 6.63
C LEU B 35 16.17 -27.62 8.15
N GLY B 36 16.31 -28.81 8.72
CA GLY B 36 16.26 -28.95 10.17
C GLY B 36 17.13 -27.97 10.91
N PRO B 37 18.46 -28.12 10.80
CA PRO B 37 19.36 -27.17 11.46
C PRO B 37 19.18 -25.74 11.00
N VAL B 38 18.90 -25.51 9.72
CA VAL B 38 18.77 -24.15 9.21
C VAL B 38 17.55 -23.47 9.81
N GLU B 39 16.41 -24.17 9.83
CA GLU B 39 15.21 -23.60 10.45
C GLU B 39 15.39 -23.40 11.94
N LYS B 40 16.07 -24.34 12.60
CA LYS B 40 16.33 -24.18 14.04
C LYS B 40 17.18 -22.94 14.31
N PHE B 41 18.21 -22.72 13.49
CA PHE B 41 19.04 -21.52 13.66
C PHE B 41 18.25 -20.25 13.38
N PHE B 42 17.45 -20.24 12.31
CA PHE B 42 16.76 -19.03 11.92
C PHE B 42 15.65 -18.65 12.90
N THR B 43 14.98 -19.64 13.48
CA THR B 43 13.90 -19.35 14.41
C THR B 43 14.43 -18.88 15.77
N GLU B 44 15.58 -19.40 16.20
CA GLU B 44 16.08 -19.15 17.54
C GLU B 44 17.18 -18.09 17.59
N GLU B 45 18.25 -18.29 16.85
CA GLU B 45 19.47 -17.51 17.02
C GLU B 45 19.53 -16.24 16.18
N VAL B 46 18.50 -15.95 15.38
CA VAL B 46 18.47 -14.76 14.56
C VAL B 46 17.58 -13.72 15.23
N ASP B 47 18.16 -12.55 15.53
CA ASP B 47 17.44 -11.46 16.17
C ASP B 47 17.14 -10.40 15.10
N SER B 48 15.95 -10.50 14.51
CA SER B 48 15.57 -9.55 13.46
C SER B 48 15.46 -8.13 14.01
N ARG B 49 14.90 -7.98 15.20
CA ARG B 49 14.75 -6.66 15.80
C ARG B 49 16.10 -6.01 16.05
N LYS B 50 17.07 -6.78 16.56
CA LYS B 50 18.40 -6.23 16.82
C LYS B 50 19.08 -5.80 15.52
N ILE B 51 18.97 -6.62 14.48
CA ILE B 51 19.57 -6.26 13.19
C ILE B 51 18.94 -5.00 12.63
N ASP B 52 17.61 -4.91 12.72
CA ASP B 52 16.91 -3.74 12.19
C ASP B 52 17.29 -2.47 12.95
N GLN B 53 17.32 -2.54 14.28
CA GLN B 53 17.58 -1.34 15.06
C GLN B 53 19.04 -0.92 15.00
N GLU B 54 19.95 -1.88 14.83
CA GLU B 54 21.38 -1.56 14.76
C GLU B 54 21.86 -1.29 13.35
N GLY B 55 21.19 -1.82 12.33
CA GLY B 55 21.60 -1.61 10.97
C GLY B 55 22.81 -2.41 10.54
N LYS B 56 23.24 -3.38 11.34
CA LYS B 56 24.40 -4.20 11.02
C LYS B 56 24.12 -5.63 11.45
N ILE B 57 24.39 -6.58 10.57
CA ILE B 57 24.25 -8.00 10.90
C ILE B 57 25.40 -8.40 11.81
N PRO B 58 25.13 -8.98 12.97
CA PRO B 58 26.23 -9.34 13.88
C PRO B 58 27.18 -10.33 13.24
N ASP B 59 28.46 -10.20 13.60
CA ASP B 59 29.49 -11.07 13.02
C ASP B 59 29.27 -12.53 13.41
N GLU B 60 28.77 -12.79 14.62
CA GLU B 60 28.48 -14.16 15.02
C GLU B 60 27.41 -14.77 14.13
N THR B 61 26.35 -14.01 13.83
CA THR B 61 25.28 -14.50 12.97
C THR B 61 25.80 -14.78 11.57
N LEU B 62 26.62 -13.88 11.02
CA LEU B 62 27.15 -14.06 9.68
C LEU B 62 28.09 -15.28 9.63
N GLU B 63 28.92 -15.46 10.64
CA GLU B 63 29.81 -16.62 10.68
C GLU B 63 29.01 -17.91 10.79
N LYS B 64 27.96 -17.92 11.61
CA LYS B 64 27.14 -19.11 11.76
C LYS B 64 26.38 -19.41 10.47
N LEU B 65 25.99 -18.38 9.74
CA LEU B 65 25.42 -18.57 8.41
C LEU B 65 26.43 -19.17 7.45
N LYS B 66 27.68 -18.71 7.54
CA LYS B 66 28.74 -19.27 6.70
C LYS B 66 28.96 -20.75 7.01
N SER B 67 28.83 -21.12 8.29
CA SER B 67 28.95 -22.52 8.66
C SER B 67 27.86 -23.37 8.02
N LEU B 68 26.65 -22.82 7.93
CA LEU B 68 25.54 -23.56 7.33
C LEU B 68 25.73 -23.80 5.84
N GLY B 69 26.66 -23.09 5.21
CA GLY B 69 26.83 -23.21 3.78
C GLY B 69 25.76 -22.54 2.97
N LEU B 70 25.09 -21.53 3.54
CA LEU B 70 24.02 -20.83 2.83
C LEU B 70 24.55 -19.81 1.82
N PHE B 71 25.85 -19.57 1.79
CA PHE B 71 26.45 -18.69 0.80
C PHE B 71 26.80 -19.42 -0.49
N GLY B 72 26.71 -20.74 -0.51
CA GLY B 72 27.01 -21.54 -1.69
C GLY B 72 25.91 -22.53 -2.01
N LEU B 73 24.65 -22.10 -1.85
CA LEU B 73 23.53 -23.02 -1.97
C LEU B 73 23.47 -23.67 -3.34
N GLN B 74 23.54 -22.86 -4.40
CA GLN B 74 23.42 -23.36 -5.77
C GLN B 74 24.77 -23.55 -6.44
N VAL B 75 25.87 -23.28 -5.75
CA VAL B 75 27.20 -23.57 -6.31
C VAL B 75 27.36 -25.07 -6.47
N PRO B 76 27.90 -25.56 -7.59
CA PRO B 76 28.04 -27.01 -7.76
C PRO B 76 28.92 -27.63 -6.68
N GLU B 77 28.61 -28.88 -6.35
CA GLU B 77 29.29 -29.56 -5.26
C GLU B 77 30.79 -29.71 -5.52
N GLU B 78 31.18 -29.77 -6.79
CA GLU B 78 32.59 -29.88 -7.14
C GLU B 78 33.39 -28.64 -6.79
N TYR B 79 32.73 -27.51 -6.52
CA TYR B 79 33.39 -26.25 -6.21
C TYR B 79 33.12 -25.79 -4.78
N GLY B 80 32.95 -26.73 -3.86
CA GLY B 80 32.76 -26.41 -2.47
C GLY B 80 31.36 -25.97 -2.09
N GLY B 81 30.41 -26.02 -3.01
CA GLY B 81 29.04 -25.63 -2.75
C GLY B 81 28.16 -26.81 -2.39
N LEU B 82 26.86 -26.65 -2.63
CA LEU B 82 25.90 -27.71 -2.36
C LEU B 82 25.15 -28.20 -3.58
N GLY B 83 25.12 -27.44 -4.67
CA GLY B 83 24.48 -27.88 -5.89
C GLY B 83 23.00 -28.10 -5.79
N PHE B 84 22.30 -27.30 -4.98
CA PHE B 84 20.86 -27.45 -4.85
C PHE B 84 20.16 -27.00 -6.13
N SER B 85 19.06 -27.68 -6.44
CA SER B 85 18.28 -27.36 -7.62
C SER B 85 17.48 -26.07 -7.36
N ASN B 86 16.69 -25.66 -8.34
CA ASN B 86 15.90 -24.45 -8.19
C ASN B 86 14.71 -24.65 -7.25
N THR B 87 14.08 -25.82 -7.30
CA THR B 87 13.02 -26.13 -6.34
C THR B 87 13.59 -26.24 -4.92
N MET B 88 14.74 -26.88 -4.77
CA MET B 88 15.36 -27.03 -3.46
C MET B 88 15.90 -25.71 -2.93
N TYR B 89 16.11 -24.72 -3.80
CA TYR B 89 16.49 -23.38 -3.40
C TYR B 89 15.28 -22.53 -3.05
N SER B 90 14.18 -22.68 -3.79
CA SER B 90 12.93 -22.04 -3.42
C SER B 90 12.44 -22.53 -2.07
N ARG B 91 12.67 -23.82 -1.77
CA ARG B 91 12.28 -24.34 -0.46
C ARG B 91 13.03 -23.64 0.66
N LEU B 92 14.34 -23.42 0.48
CA LEU B 92 15.14 -22.72 1.48
C LEU B 92 14.84 -21.22 1.54
N GLY B 93 14.36 -20.64 0.43
CA GLY B 93 14.01 -19.23 0.44
C GLY B 93 12.88 -18.88 1.40
N GLU B 94 12.02 -19.84 1.73
CA GLU B 94 10.90 -19.56 2.63
C GLU B 94 11.36 -19.41 4.07
N ILE B 95 12.30 -20.25 4.52
CA ILE B 95 12.77 -20.20 5.90
C ILE B 95 13.88 -19.19 6.11
N ILE B 96 14.45 -18.64 5.04
CA ILE B 96 15.48 -17.61 5.17
C ILE B 96 14.89 -16.22 5.32
N SER B 97 13.69 -15.98 4.80
CA SER B 97 13.01 -14.68 4.80
C SER B 97 12.58 -14.22 6.18
N MET B 98 12.96 -14.92 7.26
CA MET B 98 12.52 -14.50 8.60
C MET B 98 13.11 -13.15 8.98
N ASP B 99 14.30 -12.83 8.48
CA ASP B 99 14.95 -11.58 8.85
C ASP B 99 14.73 -10.46 7.83
N GLY B 100 14.79 -10.78 6.54
CA GLY B 100 14.64 -9.77 5.52
C GLY B 100 15.94 -9.11 5.13
N SER B 101 16.80 -8.84 6.12
CA SER B 101 18.14 -8.32 5.86
C SER B 101 19.13 -9.43 5.50
N ILE B 102 18.79 -10.69 5.76
CA ILE B 102 19.62 -11.80 5.32
C ILE B 102 19.16 -12.34 3.97
N THR B 103 17.84 -12.34 3.72
CA THR B 103 17.34 -12.77 2.42
C THR B 103 17.73 -11.82 1.29
N VAL B 104 18.23 -10.63 1.61
CA VAL B 104 18.73 -9.70 0.61
C VAL B 104 20.24 -9.81 0.46
N THR B 105 20.96 -9.94 1.59
CA THR B 105 22.40 -10.14 1.54
C THR B 105 22.74 -11.46 0.84
N LEU B 106 22.00 -12.52 1.16
CA LEU B 106 22.29 -13.83 0.57
C LEU B 106 21.90 -13.86 -0.90
N ALA B 107 20.73 -13.33 -1.25
CA ALA B 107 20.29 -13.37 -2.64
C ALA B 107 21.20 -12.53 -3.54
N ALA B 108 21.61 -11.36 -3.07
CA ALA B 108 22.49 -10.51 -3.87
C ALA B 108 23.88 -11.10 -4.04
N HIS B 109 24.25 -12.09 -3.23
CA HIS B 109 25.53 -12.78 -3.37
C HIS B 109 25.40 -14.08 -4.16
N GLN B 110 24.24 -14.72 -4.12
CA GLN B 110 24.01 -15.98 -4.80
C GLN B 110 23.31 -15.81 -6.14
N ALA B 111 22.22 -15.06 -6.18
CA ALA B 111 21.42 -14.96 -7.40
C ALA B 111 22.08 -14.09 -8.46
N ILE B 112 22.79 -13.04 -8.07
CA ILE B 112 23.42 -12.15 -9.04
C ILE B 112 24.91 -12.04 -8.77
N GLY B 113 25.33 -12.32 -7.54
CA GLY B 113 26.72 -12.15 -7.16
C GLY B 113 27.66 -13.12 -7.84
N LEU B 114 27.59 -14.40 -7.48
CA LEU B 114 28.44 -15.43 -8.07
C LEU B 114 27.79 -16.14 -9.24
N LYS B 115 26.59 -15.74 -9.64
CA LYS B 115 25.92 -16.41 -10.76
C LYS B 115 26.65 -16.17 -12.07
N GLY B 116 27.33 -15.03 -12.21
CA GLY B 116 28.05 -14.77 -13.43
C GLY B 116 29.19 -15.74 -13.66
N ILE B 117 29.96 -16.03 -12.61
CA ILE B 117 31.07 -16.96 -12.73
C ILE B 117 30.57 -18.36 -13.06
N ILE B 118 29.42 -18.74 -12.49
CA ILE B 118 28.85 -20.05 -12.77
C ILE B 118 28.37 -20.13 -14.21
N LEU B 119 27.65 -19.11 -14.68
CA LEU B 119 27.03 -19.18 -16.00
C LEU B 119 28.06 -19.02 -17.12
N ALA B 120 29.00 -18.09 -16.98
CA ALA B 120 29.90 -17.75 -18.08
C ALA B 120 31.38 -17.96 -17.77
N GLY B 121 31.75 -18.21 -16.53
CA GLY B 121 33.14 -18.38 -16.20
C GLY B 121 33.71 -19.68 -16.78
N THR B 122 35.00 -19.66 -17.07
CA THR B 122 35.69 -20.82 -17.57
C THR B 122 35.98 -21.81 -16.44
N GLU B 123 36.42 -23.01 -16.83
CA GLU B 123 36.70 -24.04 -15.83
C GLU B 123 37.87 -23.70 -14.94
N GLU B 124 38.76 -22.80 -15.37
CA GLU B 124 39.86 -22.35 -14.52
C GLU B 124 39.48 -21.16 -13.65
N GLN B 125 38.51 -20.36 -14.07
CA GLN B 125 38.00 -19.29 -13.21
C GLN B 125 37.12 -19.85 -12.10
N LYS B 126 36.31 -20.86 -12.41
CA LYS B 126 35.47 -21.47 -11.38
C LYS B 126 36.30 -22.16 -10.31
N ALA B 127 37.43 -22.76 -10.69
CA ALA B 127 38.30 -23.44 -9.73
C ALA B 127 39.04 -22.48 -8.82
N LYS B 128 39.00 -21.18 -9.11
CA LYS B 128 39.73 -20.18 -8.33
C LYS B 128 38.83 -19.34 -7.44
N TYR B 129 37.62 -19.01 -7.88
CA TYR B 129 36.74 -18.11 -7.14
C TYR B 129 35.59 -18.83 -6.44
N LEU B 130 35.00 -19.83 -7.10
CA LEU B 130 33.86 -20.52 -6.51
C LEU B 130 34.17 -21.22 -5.18
N PRO B 131 35.29 -21.93 -5.00
CA PRO B 131 35.52 -22.59 -3.71
C PRO B 131 35.56 -21.63 -2.53
N LYS B 132 36.02 -20.40 -2.74
CA LYS B 132 36.06 -19.42 -1.67
C LYS B 132 34.83 -18.52 -1.63
N LEU B 133 34.07 -18.43 -2.73
CA LEU B 133 32.80 -17.73 -2.69
C LEU B 133 31.71 -18.55 -2.01
N ALA B 134 31.73 -19.87 -2.19
CA ALA B 134 30.74 -20.73 -1.55
C ALA B 134 31.04 -20.94 -0.07
N SER B 135 32.31 -20.97 0.31
CA SER B 135 32.68 -21.14 1.71
C SER B 135 32.34 -19.94 2.57
N GLY B 136 31.98 -18.81 1.96
CA GLY B 136 31.64 -17.61 2.69
C GLY B 136 32.82 -16.71 3.02
N GLU B 137 34.05 -17.13 2.74
CA GLU B 137 35.19 -16.25 2.98
C GLU B 137 35.14 -15.02 2.10
N HIS B 138 34.77 -15.18 0.83
CA HIS B 138 34.58 -14.07 -0.08
C HIS B 138 33.09 -13.86 -0.34
N ILE B 139 32.73 -12.61 -0.61
CA ILE B 139 31.36 -12.23 -0.95
C ILE B 139 31.39 -11.56 -2.32
N ALA B 140 30.38 -11.85 -3.14
CA ALA B 140 30.32 -11.33 -4.49
C ALA B 140 29.26 -10.24 -4.60
N ALA B 141 29.49 -9.32 -5.53
CA ALA B 141 28.58 -8.23 -5.80
C ALA B 141 28.37 -8.09 -7.30
N PHE B 142 27.22 -7.53 -7.68
CA PHE B 142 26.84 -7.35 -9.07
C PHE B 142 26.80 -5.86 -9.37
N CYS B 143 27.75 -5.39 -10.18
CA CYS B 143 27.89 -3.96 -10.48
C CYS B 143 27.49 -3.72 -11.94
N LEU B 144 26.25 -3.30 -12.15
CA LEU B 144 25.77 -2.95 -13.48
C LEU B 144 25.34 -1.49 -13.58
N THR B 145 24.48 -1.03 -12.69
CA THR B 145 23.96 0.33 -12.77
C THR B 145 24.99 1.32 -12.24
N GLU B 146 24.92 2.54 -12.78
CA GLU B 146 25.81 3.62 -12.37
C GLU B 146 25.00 4.89 -12.17
N PRO B 147 25.47 5.85 -11.35
CA PRO B 147 24.62 6.99 -10.97
C PRO B 147 24.45 7.96 -12.13
N ALA B 148 23.19 8.24 -12.46
CA ALA B 148 22.88 9.16 -13.55
C ALA B 148 22.93 10.59 -13.03
N SER B 149 23.91 11.36 -13.51
CA SER B 149 24.07 12.77 -13.17
C SER B 149 24.23 13.54 -14.48
N GLY B 150 23.13 14.05 -15.01
CA GLY B 150 23.17 14.69 -16.31
C GLY B 150 23.36 13.74 -17.45
N SER B 151 23.00 12.46 -17.27
CA SER B 151 23.21 11.44 -18.30
C SER B 151 22.10 10.41 -18.19
N ASP B 152 22.03 9.55 -19.19
CA ASP B 152 21.00 8.52 -19.23
C ASP B 152 21.16 7.56 -18.06
N ALA B 153 20.03 7.17 -17.46
CA ALA B 153 20.06 6.30 -16.29
C ALA B 153 20.39 4.85 -16.62
N ALA B 154 20.28 4.44 -17.88
CA ALA B 154 20.55 3.07 -18.27
C ALA B 154 21.86 2.90 -19.03
N SER B 155 22.41 3.97 -19.59
CA SER B 155 23.66 3.87 -20.33
C SER B 155 24.82 3.56 -19.39
N ILE B 156 25.84 2.89 -19.94
CA ILE B 156 27.03 2.53 -19.20
C ILE B 156 28.16 3.44 -19.65
N ARG B 157 28.66 4.28 -18.75
CA ARG B 157 29.80 5.14 -19.01
C ARG B 157 31.10 4.60 -18.43
N SER B 158 31.07 3.41 -17.84
CA SER B 158 32.29 2.78 -17.35
C SER B 158 33.18 2.40 -18.52
N ARG B 159 34.48 2.62 -18.36
CA ARG B 159 35.45 2.44 -19.43
C ARG B 159 36.52 1.44 -19.01
N ALA B 160 36.92 0.59 -19.95
CA ALA B 160 38.02 -0.35 -19.75
C ALA B 160 38.95 -0.24 -20.95
N THR B 161 40.15 0.28 -20.70
CA THR B 161 41.14 0.48 -21.76
C THR B 161 42.20 -0.60 -21.67
N LEU B 162 42.43 -1.30 -22.77
CA LEU B 162 43.46 -2.32 -22.81
C LEU B 162 44.84 -1.65 -22.82
N SER B 163 45.77 -2.21 -22.04
CA SER B 163 47.03 -1.55 -21.79
C SER B 163 47.94 -1.61 -23.01
N GLU B 164 49.06 -0.88 -22.92
CA GLU B 164 50.02 -0.83 -24.02
C GLU B 164 50.67 -2.19 -24.25
N ASP B 165 50.98 -2.91 -23.18
CA ASP B 165 51.63 -4.21 -23.28
C ASP B 165 50.66 -5.37 -23.43
N LYS B 166 49.35 -5.08 -23.50
CA LYS B 166 48.31 -6.09 -23.74
C LYS B 166 48.31 -7.18 -22.67
N LYS B 167 48.56 -6.82 -21.42
CA LYS B 167 48.57 -7.80 -20.34
C LYS B 167 47.47 -7.61 -19.31
N HIS B 168 46.85 -6.43 -19.23
CA HIS B 168 45.71 -6.23 -18.34
C HIS B 168 44.95 -4.99 -18.77
N TYR B 169 43.63 -5.04 -18.57
CA TYR B 169 42.79 -3.87 -18.78
C TYR B 169 42.91 -2.92 -17.60
N ILE B 170 42.61 -1.65 -17.86
CA ILE B 170 42.53 -0.61 -16.84
C ILE B 170 41.10 -0.12 -16.81
N LEU B 171 40.45 -0.24 -15.66
CA LEU B 171 39.04 0.08 -15.50
C LEU B 171 38.89 1.40 -14.75
N ASN B 172 38.04 2.27 -15.28
CA ASN B 172 37.66 3.52 -14.64
C ASN B 172 36.14 3.66 -14.72
N GLY B 173 35.52 3.97 -13.59
CA GLY B 173 34.08 4.13 -13.58
C GLY B 173 33.58 4.25 -12.15
N SER B 174 32.26 4.13 -12.02
CA SER B 174 31.60 4.21 -10.72
C SER B 174 30.24 3.54 -10.84
N LYS B 175 29.82 2.86 -9.77
CA LYS B 175 28.54 2.17 -9.74
C LYS B 175 27.78 2.57 -8.48
N VAL B 176 26.45 2.48 -8.57
CA VAL B 176 25.58 2.88 -7.47
C VAL B 176 24.56 1.77 -7.25
N TRP B 177 23.95 1.78 -6.05
CA TRP B 177 22.93 0.79 -5.68
C TRP B 177 23.49 -0.62 -5.70
N ILE B 178 24.74 -0.77 -5.27
CA ILE B 178 25.42 -2.06 -5.25
C ILE B 178 25.21 -2.69 -3.88
N THR B 179 24.52 -3.82 -3.84
CA THR B 179 24.34 -4.53 -2.58
C THR B 179 25.63 -5.24 -2.22
N ASN B 180 25.91 -5.31 -0.91
CA ASN B 180 27.14 -5.90 -0.38
C ASN B 180 28.38 -5.17 -0.89
N GLY B 181 28.24 -3.88 -1.19
CA GLY B 181 29.38 -3.11 -1.65
C GLY B 181 30.49 -3.00 -0.62
N GLY B 182 30.12 -2.88 0.66
CA GLY B 182 31.10 -2.80 1.72
C GLY B 182 31.66 -4.12 2.19
N LEU B 183 31.07 -5.24 1.77
CA LEU B 183 31.51 -6.56 2.18
C LEU B 183 32.13 -7.38 1.06
N ALA B 184 31.76 -7.11 -0.19
CA ALA B 184 32.17 -7.97 -1.28
C ALA B 184 33.67 -7.87 -1.55
N ASN B 185 34.28 -9.01 -1.86
CA ASN B 185 35.65 -9.08 -2.32
C ASN B 185 35.77 -9.43 -3.79
N ILE B 186 34.69 -9.87 -4.43
CA ILE B 186 34.67 -10.19 -5.85
C ILE B 186 33.54 -9.40 -6.49
N PHE B 187 33.86 -8.62 -7.51
CA PHE B 187 32.90 -7.80 -8.22
C PHE B 187 32.75 -8.28 -9.65
N THR B 188 31.51 -8.41 -10.10
CA THR B 188 31.20 -8.71 -11.49
C THR B 188 30.83 -7.39 -12.16
N VAL B 189 31.82 -6.71 -12.72
CA VAL B 189 31.66 -5.36 -13.25
C VAL B 189 31.48 -5.44 -14.75
N PHE B 190 30.56 -4.63 -15.27
CA PHE B 190 30.29 -4.54 -16.70
C PHE B 190 30.72 -3.17 -17.18
N ALA B 191 31.59 -3.12 -18.19
CA ALA B 191 32.13 -1.87 -18.67
C ALA B 191 32.21 -1.90 -20.19
N LYS B 192 32.15 -0.72 -20.79
CA LYS B 192 32.24 -0.59 -22.24
C LYS B 192 33.71 -0.51 -22.65
N THR B 193 34.14 -1.48 -23.46
CA THR B 193 35.51 -1.54 -23.96
C THR B 193 35.51 -1.44 -25.47
N GLU B 194 36.57 -0.84 -26.00
CA GLU B 194 36.71 -0.65 -27.43
C GLU B 194 37.00 -1.97 -28.12
N VAL B 195 36.37 -2.19 -29.27
CA VAL B 195 36.59 -3.37 -30.10
C VAL B 195 36.84 -2.92 -31.52
N VAL B 196 37.93 -3.40 -32.11
CA VAL B 196 38.29 -3.10 -33.49
C VAL B 196 38.13 -4.37 -34.31
N ASP B 197 37.48 -4.25 -35.48
CA ASP B 197 37.22 -5.40 -36.33
C ASP B 197 37.66 -5.12 -37.76
N SER B 198 37.28 -6.01 -38.69
CA SER B 198 37.64 -5.82 -40.09
C SER B 198 37.11 -4.50 -40.64
N ASP B 199 35.98 -4.03 -40.10
CA ASP B 199 35.44 -2.74 -40.55
C ASP B 199 36.34 -1.58 -40.16
N GLY B 200 37.16 -1.75 -39.13
CA GLY B 200 38.01 -0.66 -38.67
C GLY B 200 37.27 0.44 -37.95
N SER B 201 36.13 0.13 -37.33
CA SER B 201 35.31 1.12 -36.67
C SER B 201 35.80 1.36 -35.24
N VAL B 202 35.07 2.21 -34.51
CA VAL B 202 35.40 2.54 -33.14
C VAL B 202 34.26 2.03 -32.27
N LYS B 203 33.61 0.95 -32.71
CA LYS B 203 32.49 0.39 -32.00
C LYS B 203 32.93 -0.22 -30.67
N ASP B 204 32.30 0.22 -29.58
CA ASP B 204 32.57 -0.31 -28.25
C ASP B 204 31.45 -1.23 -27.81
N LYS B 205 31.80 -2.21 -26.99
CA LYS B 205 30.85 -3.21 -26.53
C LYS B 205 30.98 -3.45 -25.04
N ILE B 206 29.90 -3.93 -24.43
CA ILE B 206 29.89 -4.22 -23.01
C ILE B 206 30.64 -5.52 -22.75
N THR B 207 31.44 -5.54 -21.68
CA THR B 207 32.22 -6.71 -21.30
C THR B 207 32.18 -6.85 -19.78
N ALA B 208 32.05 -8.09 -19.31
CA ALA B 208 31.98 -8.40 -17.89
C ALA B 208 33.36 -8.78 -17.37
N PHE B 209 33.71 -8.25 -16.21
CA PHE B 209 34.99 -8.52 -15.57
C PHE B 209 34.75 -9.15 -14.20
N ILE B 210 35.79 -9.83 -13.71
CA ILE B 210 35.83 -10.33 -12.34
C ILE B 210 36.84 -9.49 -11.60
N VAL B 211 36.38 -8.47 -10.90
CA VAL B 211 37.24 -7.49 -10.27
C VAL B 211 37.35 -7.81 -8.78
N GLU B 212 38.56 -8.02 -8.31
CA GLU B 212 38.82 -8.25 -6.90
C GLU B 212 39.22 -6.96 -6.22
N ARG B 213 38.85 -6.85 -4.93
CA ARG B 213 39.22 -5.67 -4.16
C ARG B 213 40.74 -5.58 -3.97
N ASP B 214 41.45 -6.70 -4.11
CA ASP B 214 42.90 -6.69 -4.01
C ASP B 214 43.58 -6.11 -5.24
N PHE B 215 42.83 -5.86 -6.31
CA PHE B 215 43.41 -5.30 -7.53
C PHE B 215 43.86 -3.85 -7.34
N GLY B 216 43.35 -3.17 -6.33
CA GLY B 216 43.71 -1.78 -6.10
C GLY B 216 42.85 -0.82 -6.89
N GLY B 217 42.55 0.34 -6.31
CA GLY B 217 41.74 1.33 -6.98
C GLY B 217 40.25 1.16 -6.81
N VAL B 218 39.80 0.26 -5.95
CA VAL B 218 38.38 0.03 -5.69
C VAL B 218 38.04 0.66 -4.34
N THR B 219 37.13 1.63 -4.35
CA THR B 219 36.78 2.35 -3.13
C THR B 219 35.27 2.48 -3.05
N ASN B 220 34.73 2.22 -1.86
CA ASN B 220 33.29 2.31 -1.64
C ASN B 220 32.99 3.28 -0.51
N GLY B 221 31.88 4.00 -0.64
CA GLY B 221 31.48 4.98 0.34
C GLY B 221 30.72 4.36 1.51
N LYS B 222 30.20 5.24 2.35
CA LYS B 222 29.44 4.79 3.51
C LYS B 222 28.11 4.18 3.07
N PRO B 223 27.59 3.23 3.83
CA PRO B 223 26.33 2.58 3.46
C PRO B 223 25.17 3.57 3.52
N GLU B 224 24.17 3.32 2.68
CA GLU B 224 23.02 4.20 2.55
C GLU B 224 22.00 3.91 3.64
N ASP B 225 21.23 4.94 3.99
CA ASP B 225 20.23 4.85 5.06
C ASP B 225 18.88 4.43 4.47
N LYS B 226 18.76 3.14 4.20
CA LYS B 226 17.55 2.60 3.60
C LYS B 226 16.41 2.57 4.61
N LEU B 227 15.18 2.56 4.10
CA LEU B 227 14.00 2.50 4.95
C LEU B 227 13.93 1.19 5.72
N GLY B 228 13.73 0.08 5.01
CA GLY B 228 13.39 -1.17 5.66
C GLY B 228 14.53 -2.11 5.99
N ILE B 229 15.34 -2.44 4.98
CA ILE B 229 16.38 -3.45 5.16
C ILE B 229 17.65 -2.80 5.70
N ARG B 230 17.70 -2.60 7.01
CA ARG B 230 18.83 -1.92 7.63
C ARG B 230 20.07 -2.78 7.71
N GLY B 231 19.92 -4.10 7.78
CA GLY B 231 21.08 -4.98 7.88
C GLY B 231 21.86 -5.11 6.59
N SER B 232 21.23 -4.84 5.45
CA SER B 232 21.93 -4.91 4.17
C SER B 232 22.95 -3.79 4.06
N ASN B 233 23.99 -4.04 3.27
CA ASN B 233 25.09 -3.10 3.08
C ASN B 233 25.07 -2.64 1.63
N THR B 234 24.29 -1.59 1.36
CA THR B 234 24.15 -1.04 0.01
C THR B 234 25.02 0.21 -0.09
N CYS B 235 26.13 0.10 -0.82
CA CYS B 235 27.06 1.20 -1.02
C CYS B 235 27.16 1.52 -2.51
N GLU B 236 28.04 2.46 -2.82
CA GLU B 236 28.41 2.77 -4.19
C GLU B 236 29.91 2.54 -4.34
N VAL B 237 30.30 1.88 -5.43
CA VAL B 237 31.67 1.44 -5.63
C VAL B 237 32.27 2.18 -6.83
N HIS B 238 33.49 2.69 -6.66
CA HIS B 238 34.21 3.40 -7.70
C HIS B 238 35.51 2.70 -7.97
N PHE B 239 35.79 2.45 -9.25
CA PHE B 239 37.04 1.85 -9.69
C PHE B 239 37.89 2.93 -10.36
N GLU B 240 39.03 3.24 -9.76
CA GLU B 240 39.93 4.29 -10.23
C GLU B 240 41.22 3.63 -10.68
N ASN B 241 41.36 3.43 -12.00
CA ASN B 241 42.53 2.78 -12.59
C ASN B 241 42.77 1.40 -11.97
N THR B 242 41.74 0.56 -12.06
CA THR B 242 41.82 -0.81 -11.54
C THR B 242 42.42 -1.71 -12.60
N LYS B 243 43.50 -2.41 -12.24
CA LYS B 243 44.23 -3.26 -13.18
C LYS B 243 43.65 -4.66 -13.13
N ILE B 244 42.90 -5.02 -14.16
CA ILE B 244 42.22 -6.31 -14.24
C ILE B 244 42.96 -7.19 -15.24
N PRO B 245 43.54 -8.32 -14.82
CA PRO B 245 44.19 -9.21 -15.79
C PRO B 245 43.21 -9.68 -16.86
N VAL B 246 43.74 -9.87 -18.07
CA VAL B 246 42.91 -10.23 -19.22
C VAL B 246 42.20 -11.55 -18.98
N GLU B 247 42.80 -12.46 -18.21
CA GLU B 247 42.17 -13.74 -17.93
C GLU B 247 40.91 -13.60 -17.08
N ASN B 248 40.73 -12.46 -16.42
CA ASN B 248 39.56 -12.22 -15.58
C ASN B 248 38.43 -11.55 -16.36
N ILE B 249 38.04 -12.17 -17.47
CA ILE B 249 36.95 -11.68 -18.30
C ILE B 249 35.91 -12.79 -18.43
N LEU B 250 34.65 -12.47 -18.15
CA LEU B 250 33.58 -13.44 -18.21
C LEU B 250 33.18 -13.66 -19.66
N GLY B 251 33.48 -14.84 -20.18
CA GLY B 251 33.15 -15.18 -21.56
C GLY B 251 34.21 -14.68 -22.54
N GLU B 252 33.82 -13.74 -23.39
CA GLU B 252 34.72 -13.15 -24.38
C GLU B 252 34.57 -11.63 -24.34
N VAL B 253 35.65 -10.95 -24.74
CA VAL B 253 35.62 -9.48 -24.78
C VAL B 253 34.54 -9.02 -25.75
N GLY B 254 33.79 -8.00 -25.34
CA GLY B 254 32.66 -7.53 -26.10
C GLY B 254 31.37 -8.30 -25.88
N ASP B 255 31.46 -9.57 -25.45
CA ASP B 255 30.29 -10.39 -25.19
C ASP B 255 29.85 -10.32 -23.73
N GLY B 256 29.65 -9.10 -23.24
CA GLY B 256 29.23 -8.90 -21.86
C GLY B 256 27.75 -8.66 -21.71
N PHE B 257 27.09 -8.27 -22.80
CA PHE B 257 25.64 -8.11 -22.77
C PHE B 257 24.94 -9.44 -22.54
N LYS B 258 25.45 -10.50 -23.17
CA LYS B 258 24.85 -11.82 -22.99
C LYS B 258 24.93 -12.26 -21.54
N VAL B 259 26.07 -12.05 -20.89
CA VAL B 259 26.24 -12.44 -19.49
C VAL B 259 25.28 -11.65 -18.62
N ALA B 260 25.21 -10.32 -18.82
CA ALA B 260 24.34 -9.49 -18.01
C ALA B 260 22.87 -9.87 -18.22
N MET B 261 22.51 -10.32 -19.41
CA MET B 261 21.15 -10.79 -19.64
C MET B 261 20.90 -12.13 -18.96
N ASN B 262 21.90 -13.01 -18.95
CA ASN B 262 21.75 -14.32 -18.32
C ASN B 262 21.67 -14.27 -16.80
N ILE B 263 22.45 -13.41 -16.14
CA ILE B 263 22.41 -13.30 -14.69
C ILE B 263 21.09 -12.71 -14.20
N LEU B 264 20.63 -11.63 -14.84
CA LEU B 264 19.44 -10.95 -14.36
C LEU B 264 18.17 -11.76 -14.64
N ASN B 265 18.05 -12.32 -15.84
CA ASN B 265 16.83 -13.04 -16.20
C ASN B 265 16.66 -14.31 -15.38
N SER B 266 17.75 -15.05 -15.15
CA SER B 266 17.70 -16.31 -14.42
C SER B 266 17.65 -16.03 -12.91
N GLY B 267 16.45 -15.69 -12.45
CA GLY B 267 16.26 -15.43 -11.04
C GLY B 267 14.88 -14.90 -10.77
N ARG B 268 14.69 -14.43 -9.53
CA ARG B 268 13.49 -13.77 -9.01
C ARG B 268 12.34 -14.74 -8.77
N PHE B 269 12.43 -15.95 -9.29
CA PHE B 269 11.31 -16.88 -9.14
C PHE B 269 11.14 -17.27 -7.68
N SER B 270 12.26 -17.56 -6.99
CA SER B 270 12.20 -17.90 -5.58
C SER B 270 11.57 -16.79 -4.76
N MET B 271 11.58 -15.55 -5.27
CA MET B 271 10.94 -14.46 -4.53
C MET B 271 9.50 -14.82 -4.21
N GLY B 272 8.78 -15.42 -5.16
CA GLY B 272 7.41 -15.77 -4.91
C GLY B 272 7.24 -16.72 -3.74
N SER B 273 8.19 -17.65 -3.56
CA SER B 273 8.15 -18.49 -2.37
C SER B 273 8.59 -17.71 -1.14
N VAL B 274 9.64 -16.89 -1.29
CA VAL B 274 10.17 -16.12 -0.16
C VAL B 274 9.05 -15.36 0.53
N VAL B 275 8.38 -14.50 -0.23
CA VAL B 275 7.29 -13.71 0.33
C VAL B 275 6.19 -14.61 0.85
N ALA B 276 5.93 -15.72 0.16
CA ALA B 276 4.93 -16.67 0.66
C ALA B 276 5.33 -17.17 2.04
N GLY B 277 6.59 -17.52 2.22
CA GLY B 277 7.05 -17.92 3.54
C GLY B 277 6.88 -16.86 4.59
N LEU B 278 6.84 -15.59 4.16
CA LEU B 278 6.49 -14.48 5.04
C LEU B 278 4.99 -14.38 5.25
N LEU B 279 4.21 -14.51 4.17
CA LEU B 279 2.76 -14.31 4.28
C LEU B 279 2.14 -15.31 5.25
N LYS B 280 2.53 -16.58 5.14
CA LYS B 280 2.05 -17.59 6.07
C LYS B 280 2.36 -17.19 7.50
N ARG B 281 3.56 -16.65 7.74
CA ARG B 281 3.92 -16.20 9.07
C ARG B 281 2.92 -15.18 9.60
N LEU B 282 2.50 -14.24 8.74
CA LEU B 282 1.50 -13.27 9.15
C LEU B 282 0.20 -13.97 9.54
N ILE B 283 -0.21 -14.96 8.76
CA ILE B 283 -1.43 -15.71 9.08
C ILE B 283 -1.27 -16.43 10.41
N GLU B 284 -0.04 -16.79 10.77
CA GLU B 284 0.20 -17.45 12.04
C GLU B 284 0.36 -16.48 13.21
N MET B 285 0.48 -15.18 12.93
CA MET B 285 0.56 -14.18 14.00
C MET B 285 -0.76 -13.45 14.20
N THR B 286 -1.29 -12.83 13.13
CA THR B 286 -2.50 -12.04 13.26
C THR B 286 -3.68 -12.89 13.73
N ALA B 287 -3.74 -14.15 13.29
CA ALA B 287 -4.80 -15.04 13.79
C ALA B 287 -4.69 -15.21 15.31
N GLU B 288 -3.47 -15.41 15.81
CA GLU B 288 -3.28 -15.49 17.25
C GLU B 288 -3.68 -14.21 17.96
N TYR B 289 -3.76 -13.10 17.23
CA TYR B 289 -4.30 -11.86 17.78
C TYR B 289 -5.79 -11.72 17.49
N ALA B 290 -6.27 -12.27 16.38
CA ALA B 290 -7.66 -12.12 15.99
C ALA B 290 -8.57 -13.15 16.64
N CYS B 291 -8.02 -14.09 17.40
CA CYS B 291 -8.81 -15.10 18.08
C CYS B 291 -8.73 -15.01 19.60
N THR B 292 -7.81 -14.23 20.15
CA THR B 292 -7.70 -14.03 21.59
C THR B 292 -8.17 -12.64 22.02
N ARG B 293 -8.71 -11.84 21.11
CA ARG B 293 -9.15 -10.49 21.39
C ARG B 293 -10.66 -10.38 21.25
N LYS B 294 -11.29 -9.64 22.15
CA LYS B 294 -12.73 -9.45 22.18
C LYS B 294 -13.09 -8.06 21.68
N GLN B 295 -14.12 -8.00 20.83
CA GLN B 295 -14.70 -6.72 20.44
C GLN B 295 -16.19 -6.93 20.23
N PHE B 296 -16.99 -6.08 20.87
CA PHE B 296 -18.46 -6.19 20.83
C PHE B 296 -18.92 -7.56 21.31
N ASN B 297 -18.29 -8.06 22.38
CA ASN B 297 -18.60 -9.36 22.96
C ASN B 297 -18.45 -10.48 21.94
N LYS B 298 -17.48 -10.35 21.04
CA LYS B 298 -17.26 -11.33 19.98
C LYS B 298 -15.77 -11.40 19.69
N ARG B 299 -15.36 -12.53 19.11
CA ARG B 299 -14.00 -12.65 18.62
C ARG B 299 -13.80 -11.72 17.43
N LEU B 300 -12.55 -11.25 17.25
CA LEU B 300 -12.23 -10.54 16.02
C LEU B 300 -12.31 -11.46 14.81
N SER B 301 -12.10 -12.76 15.01
CA SER B 301 -12.19 -13.73 13.93
C SER B 301 -13.63 -13.94 13.47
N GLU B 302 -14.62 -13.51 14.24
CA GLU B 302 -16.02 -13.70 13.91
C GLU B 302 -16.61 -12.56 13.09
N PHE B 303 -15.79 -11.58 12.71
CA PHE B 303 -16.24 -10.44 11.91
C PHE B 303 -15.86 -10.64 10.45
N GLY B 304 -16.79 -10.33 9.56
CA GLY B 304 -16.57 -10.60 8.14
C GLY B 304 -15.41 -9.85 7.54
N LEU B 305 -15.16 -8.62 8.01
CA LEU B 305 -14.11 -7.79 7.43
C LEU B 305 -12.71 -8.21 7.84
N ILE B 306 -12.57 -9.08 8.84
CA ILE B 306 -11.28 -9.69 9.12
C ILE B 306 -11.16 -11.06 8.44
N GLN B 307 -12.29 -11.76 8.31
CA GLN B 307 -12.31 -13.02 7.59
C GLN B 307 -11.93 -12.82 6.12
N GLU B 308 -12.41 -11.72 5.52
CA GLU B 308 -12.01 -11.42 4.14
C GLU B 308 -10.51 -11.20 4.04
N LYS B 309 -9.92 -10.54 5.03
CA LYS B 309 -8.48 -10.30 5.03
C LYS B 309 -7.72 -11.62 5.11
N PHE B 310 -8.14 -12.51 6.01
CA PHE B 310 -7.45 -13.79 6.15
C PHE B 310 -7.59 -14.62 4.88
N ALA B 311 -8.79 -14.64 4.29
CA ALA B 311 -8.99 -15.41 3.06
C ALA B 311 -8.16 -14.84 1.91
N LEU B 312 -8.08 -13.51 1.81
CA LEU B 312 -7.26 -12.90 0.76
C LEU B 312 -5.79 -13.25 0.95
N MET B 313 -5.30 -13.20 2.19
CA MET B 313 -3.91 -13.56 2.44
C MET B 313 -3.62 -15.01 2.08
N ALA B 314 -4.53 -15.91 2.45
CA ALA B 314 -4.33 -17.32 2.12
C ALA B 314 -4.36 -17.56 0.62
N GLN B 315 -5.28 -16.90 -0.09
CA GLN B 315 -5.35 -17.05 -1.54
C GLN B 315 -4.07 -16.52 -2.19
N LYS B 316 -3.58 -15.37 -1.73
CA LYS B 316 -2.35 -14.83 -2.27
C LYS B 316 -1.18 -15.78 -2.05
N ALA B 317 -1.06 -16.30 -0.82
CA ALA B 317 0.04 -17.22 -0.53
C ALA B 317 -0.05 -18.49 -1.37
N TYR B 318 -1.26 -19.01 -1.55
CA TYR B 318 -1.43 -20.23 -2.36
C TYR B 318 -1.01 -19.98 -3.80
N VAL B 319 -1.48 -18.88 -4.39
CA VAL B 319 -1.13 -18.59 -5.78
C VAL B 319 0.37 -18.35 -5.92
N MET B 320 0.97 -17.66 -4.95
CA MET B 320 2.41 -17.39 -5.00
C MET B 320 3.23 -18.67 -4.94
N GLU B 321 2.89 -19.57 -4.00
CA GLU B 321 3.61 -20.83 -3.90
C GLU B 321 3.44 -21.66 -5.17
N SER B 322 2.22 -21.70 -5.72
CA SER B 322 1.97 -22.44 -6.95
C SER B 322 2.83 -21.88 -8.08
N MET B 323 2.84 -20.56 -8.24
CA MET B 323 3.63 -19.92 -9.29
C MET B 323 5.11 -20.26 -9.13
N THR B 324 5.63 -20.12 -7.91
CA THR B 324 7.06 -20.31 -7.69
C THR B 324 7.50 -21.73 -7.98
N TYR B 325 6.74 -22.71 -7.45
CA TYR B 325 7.16 -24.09 -7.67
C TYR B 325 6.90 -24.56 -9.08
N LEU B 326 5.88 -24.00 -9.75
CA LEU B 326 5.69 -24.29 -11.17
C LEU B 326 6.85 -23.75 -12.00
N THR B 327 7.31 -22.52 -11.70
CA THR B 327 8.42 -21.95 -12.44
C THR B 327 9.71 -22.72 -12.15
N ALA B 328 9.98 -23.02 -10.89
CA ALA B 328 11.19 -23.76 -10.54
C ALA B 328 11.17 -25.18 -11.07
N GLY B 329 9.99 -25.77 -11.29
CA GLY B 329 9.91 -27.08 -11.90
C GLY B 329 10.25 -27.06 -13.37
N MET B 330 9.94 -25.97 -14.07
CA MET B 330 10.29 -25.84 -15.48
C MET B 330 11.75 -25.45 -15.67
N LEU B 331 12.40 -24.92 -14.63
CA LEU B 331 13.82 -24.59 -14.70
C LEU B 331 14.71 -25.78 -14.35
N ASP B 332 14.14 -26.86 -13.83
CA ASP B 332 14.89 -28.06 -13.47
C ASP B 332 14.91 -29.10 -14.58
N GLN B 333 14.31 -28.80 -15.73
CA GLN B 333 14.29 -29.74 -16.83
C GLN B 333 15.70 -29.88 -17.43
N PRO B 334 16.00 -31.03 -18.03
CA PRO B 334 17.31 -31.20 -18.68
C PRO B 334 17.51 -30.19 -19.80
N GLY B 335 18.76 -29.77 -19.97
CA GLY B 335 19.08 -28.74 -20.93
C GLY B 335 18.97 -27.35 -20.32
N PHE B 336 18.87 -26.33 -21.16
CA PHE B 336 18.78 -24.94 -20.69
C PHE B 336 17.48 -24.33 -21.21
N PRO B 337 16.40 -24.39 -20.44
CA PRO B 337 15.16 -23.78 -20.87
C PRO B 337 15.17 -22.27 -20.66
N ASP B 338 14.50 -21.57 -21.56
CA ASP B 338 14.41 -20.11 -21.52
C ASP B 338 13.07 -19.73 -20.89
N CYS B 339 13.06 -19.63 -19.57
CA CYS B 339 11.88 -19.23 -18.82
C CYS B 339 12.23 -17.96 -18.05
N SER B 340 12.10 -16.81 -18.72
CA SER B 340 12.37 -15.52 -18.12
C SER B 340 11.13 -14.65 -17.97
N ILE B 341 10.10 -14.86 -18.80
CA ILE B 341 8.85 -14.14 -18.61
C ILE B 341 8.16 -14.59 -17.34
N GLU B 342 8.18 -15.90 -17.08
CA GLU B 342 7.52 -16.45 -15.89
C GLU B 342 8.17 -15.93 -14.61
N ALA B 343 9.49 -15.78 -14.61
CA ALA B 343 10.17 -15.25 -13.44
C ALA B 343 9.75 -13.82 -13.15
N ALA B 344 9.64 -12.99 -14.20
CA ALA B 344 9.17 -11.62 -14.02
C ALA B 344 7.73 -11.60 -13.54
N MET B 345 6.90 -12.51 -14.06
CA MET B 345 5.52 -12.65 -13.58
C MET B 345 5.50 -12.91 -12.08
N VAL B 346 6.29 -13.89 -11.65
CA VAL B 346 6.34 -14.27 -10.24
C VAL B 346 6.81 -13.08 -9.41
N LYS B 347 7.83 -12.38 -9.87
CA LYS B 347 8.33 -11.23 -9.12
C LYS B 347 7.26 -10.15 -8.98
N VAL B 348 6.57 -9.81 -10.07
CA VAL B 348 5.58 -8.74 -10.02
C VAL B 348 4.42 -9.12 -9.10
N PHE B 349 3.87 -10.32 -9.31
CA PHE B 349 2.75 -10.77 -8.49
C PHE B 349 3.14 -10.86 -7.03
N SER B 350 4.33 -11.39 -6.75
CA SER B 350 4.78 -11.55 -5.38
C SER B 350 4.97 -10.21 -4.70
N SER B 351 5.56 -9.23 -5.38
CA SER B 351 5.77 -7.92 -4.77
C SER B 351 4.45 -7.22 -4.50
N GLU B 352 3.52 -7.25 -5.46
CA GLU B 352 2.23 -6.60 -5.26
C GLU B 352 1.47 -7.24 -4.11
N ALA B 353 1.42 -8.58 -4.08
CA ALA B 353 0.73 -9.28 -3.01
C ALA B 353 1.41 -9.01 -1.67
N ALA B 354 2.74 -8.95 -1.65
CA ALA B 354 3.47 -8.65 -0.43
C ALA B 354 3.03 -7.31 0.13
N TRP B 355 3.08 -6.26 -0.70
CA TRP B 355 2.72 -4.94 -0.21
C TRP B 355 1.29 -4.92 0.32
N GLN B 356 0.33 -5.41 -0.49
CA GLN B 356 -1.07 -5.35 -0.11
C GLN B 356 -1.33 -6.14 1.17
N CYS B 357 -0.86 -7.39 1.23
CA CYS B 357 -1.16 -8.25 2.36
C CYS B 357 -0.45 -7.78 3.63
N VAL B 358 0.78 -7.27 3.52
CA VAL B 358 1.47 -6.78 4.70
C VAL B 358 0.77 -5.54 5.26
N SER B 359 0.37 -4.61 4.39
CA SER B 359 -0.36 -3.44 4.87
C SER B 359 -1.67 -3.85 5.52
N GLU B 360 -2.38 -4.82 4.93
CA GLU B 360 -3.66 -5.24 5.45
C GLU B 360 -3.52 -5.97 6.79
N ALA B 361 -2.45 -6.76 6.93
CA ALA B 361 -2.16 -7.41 8.21
C ALA B 361 -1.84 -6.39 9.29
N LEU B 362 -1.05 -5.36 8.96
CA LEU B 362 -0.81 -4.30 9.92
C LEU B 362 -2.12 -3.60 10.29
N GLN B 363 -3.04 -3.49 9.33
CA GLN B 363 -4.35 -2.90 9.61
C GLN B 363 -5.17 -3.78 10.55
N ILE B 364 -4.97 -5.10 10.51
CA ILE B 364 -5.75 -6.00 11.36
C ILE B 364 -5.56 -5.64 12.84
N LEU B 365 -4.32 -5.42 13.25
CA LEU B 365 -4.04 -5.14 14.65
C LEU B 365 -4.44 -3.73 15.07
N GLY B 366 -4.78 -2.86 14.13
CA GLY B 366 -5.16 -1.50 14.49
C GLY B 366 -3.95 -0.69 14.91
N GLY B 367 -4.11 0.07 16.00
CA GLY B 367 -3.05 0.93 16.47
C GLY B 367 -1.90 0.23 17.16
N LEU B 368 -2.08 -1.04 17.54
CA LEU B 368 -0.98 -1.77 18.16
C LEU B 368 0.09 -2.18 17.16
N GLY B 369 -0.29 -2.39 15.90
CA GLY B 369 0.66 -2.73 14.88
C GLY B 369 1.44 -1.57 14.30
N TYR B 370 1.08 -0.35 14.68
CA TYR B 370 1.76 0.85 14.20
C TYR B 370 2.97 1.22 15.05
N THR B 371 3.20 0.53 16.16
CA THR B 371 4.32 0.82 17.04
C THR B 371 5.51 -0.06 16.70
N ARG B 372 6.66 0.27 17.28
CA ARG B 372 7.90 -0.45 17.06
C ARG B 372 8.08 -1.64 17.99
N ASP B 373 7.09 -1.92 18.83
CA ASP B 373 7.14 -3.04 19.75
C ASP B 373 6.52 -4.31 19.17
N TYR B 374 6.06 -4.27 17.92
CA TYR B 374 5.44 -5.42 17.28
C TYR B 374 6.14 -5.72 15.96
N PRO B 375 6.18 -6.99 15.55
CA PRO B 375 6.87 -7.34 14.31
C PRO B 375 6.02 -7.16 13.06
N TYR B 376 5.34 -6.02 12.95
CA TYR B 376 4.59 -5.65 11.75
C TYR B 376 5.05 -4.34 11.15
N GLU B 377 5.49 -3.40 11.99
CA GLU B 377 6.18 -2.21 11.53
C GLU B 377 7.44 -2.55 10.73
N ARG B 378 8.29 -3.41 11.30
CA ARG B 378 9.52 -3.80 10.62
C ARG B 378 9.23 -4.55 9.33
N ILE B 379 8.25 -5.44 9.35
CA ILE B 379 7.88 -6.17 8.13
C ILE B 379 7.29 -5.21 7.11
N LEU B 380 6.52 -4.22 7.56
CA LEU B 380 5.95 -3.26 6.63
C LEU B 380 7.04 -2.46 5.92
N ARG B 381 8.07 -2.06 6.65
CA ARG B 381 9.17 -1.34 6.01
C ARG B 381 10.02 -2.25 5.12
N ASP B 382 10.14 -3.53 5.47
CA ASP B 382 11.04 -4.42 4.75
C ASP B 382 10.49 -4.82 3.39
N THR B 383 9.18 -5.02 3.27
CA THR B 383 8.59 -5.51 2.03
C THR B 383 8.35 -4.40 1.01
N ARG B 384 8.69 -3.16 1.32
CA ARG B 384 8.54 -2.10 0.33
C ARG B 384 9.65 -2.14 -0.72
N ILE B 385 10.85 -2.57 -0.33
CA ILE B 385 11.94 -2.73 -1.29
C ILE B 385 11.62 -3.82 -2.31
N LEU B 386 10.68 -4.71 -2.00
CA LEU B 386 10.36 -5.83 -2.87
C LEU B 386 9.83 -5.38 -4.22
N LEU B 387 9.29 -4.17 -4.30
CA LEU B 387 8.83 -3.60 -5.57
C LEU B 387 9.94 -2.86 -6.31
N ILE B 388 11.13 -2.79 -5.74
CA ILE B 388 12.26 -2.09 -6.35
C ILE B 388 13.42 -3.05 -6.48
N PHE B 389 13.48 -4.03 -5.59
CA PHE B 389 14.55 -5.02 -5.60
C PHE B 389 14.40 -5.96 -6.78
N GLU B 390 15.52 -6.28 -7.42
CA GLU B 390 15.58 -7.17 -8.59
C GLU B 390 14.73 -6.66 -9.75
N GLY B 391 14.61 -5.35 -9.93
CA GLY B 391 13.88 -4.81 -11.05
C GLY B 391 12.58 -4.13 -10.65
N THR B 392 12.38 -2.91 -11.11
CA THR B 392 11.17 -2.18 -10.80
C THR B 392 9.96 -2.85 -11.46
N ASN B 393 8.84 -2.86 -10.74
CA ASN B 393 7.67 -3.61 -11.19
C ASN B 393 7.11 -3.10 -12.51
N GLU B 394 7.22 -1.81 -12.81
CA GLU B 394 6.72 -1.30 -14.08
C GLU B 394 7.72 -1.48 -15.22
N ILE B 395 8.99 -1.68 -14.92
CA ILE B 395 9.96 -2.05 -15.95
C ILE B 395 9.70 -3.47 -16.42
N LEU B 396 9.38 -4.38 -15.49
CA LEU B 396 9.18 -5.78 -15.82
C LEU B 396 7.91 -6.04 -16.60
N ARG B 397 6.89 -5.19 -16.46
CA ARG B 397 5.68 -5.36 -17.25
C ARG B 397 5.93 -5.14 -18.73
N MET B 398 6.77 -4.15 -19.07
CA MET B 398 7.23 -4.02 -20.45
C MET B 398 8.07 -5.21 -20.87
N TYR B 399 8.92 -5.72 -19.98
CA TYR B 399 9.70 -6.90 -20.30
C TYR B 399 8.78 -8.10 -20.55
N ILE B 400 7.75 -8.26 -19.73
CA ILE B 400 6.81 -9.37 -19.93
C ILE B 400 6.06 -9.21 -21.24
N ALA B 401 5.52 -8.01 -21.49
CA ALA B 401 4.69 -7.80 -22.67
C ALA B 401 5.51 -7.81 -23.95
N LEU B 402 6.65 -7.13 -23.96
CA LEU B 402 7.41 -6.98 -25.19
C LEU B 402 8.14 -8.26 -25.59
N THR B 403 8.64 -9.01 -24.61
CA THR B 403 9.31 -10.28 -24.93
C THR B 403 8.35 -11.27 -25.57
N GLY B 404 7.12 -11.32 -25.09
CA GLY B 404 6.13 -12.21 -25.67
C GLY B 404 5.60 -11.73 -27.00
N LEU B 405 5.53 -10.41 -27.19
CA LEU B 405 5.14 -9.86 -28.47
C LEU B 405 6.23 -10.01 -29.52
N GLN B 406 7.48 -10.20 -29.08
CA GLN B 406 8.52 -10.64 -30.01
C GLN B 406 8.19 -12.02 -30.57
N HIS B 407 7.84 -12.96 -29.68
CA HIS B 407 7.53 -14.32 -30.13
C HIS B 407 6.32 -14.33 -31.04
N ALA B 408 5.27 -13.59 -30.68
CA ALA B 408 4.07 -13.53 -31.52
C ALA B 408 4.36 -12.82 -32.84
N GLY B 409 5.26 -11.83 -32.83
CA GLY B 409 5.56 -11.12 -34.06
C GLY B 409 6.21 -11.99 -35.11
N ARG B 410 7.20 -12.79 -34.72
CA ARG B 410 7.88 -13.65 -35.67
C ARG B 410 6.94 -14.70 -36.24
N ILE B 411 6.12 -15.30 -35.38
CA ILE B 411 5.17 -16.32 -35.85
C ILE B 411 4.14 -15.72 -36.79
N LEU B 412 3.61 -14.53 -36.44
CA LEU B 412 2.59 -13.91 -37.26
C LEU B 412 3.11 -13.55 -38.64
N THR B 413 4.31 -12.95 -38.70
CA THR B 413 4.89 -12.61 -39.99
C THR B 413 5.20 -13.85 -40.81
N THR B 414 5.72 -14.90 -40.16
CA THR B 414 5.99 -16.15 -40.85
C THR B 414 4.68 -16.77 -41.36
N ARG B 415 3.64 -16.76 -40.53
CA ARG B 415 2.37 -17.33 -40.94
C ARG B 415 1.76 -16.55 -42.10
N ILE B 416 1.81 -15.22 -42.03
CA ILE B 416 1.27 -14.40 -43.12
C ILE B 416 2.11 -14.58 -44.38
N HIS B 417 3.43 -14.54 -44.25
CA HIS B 417 4.32 -14.68 -45.39
C HIS B 417 5.35 -15.79 -45.15
N HIS B 451 -8.96 -30.29 -22.36
CA HIS B 451 -8.42 -29.94 -21.05
C HIS B 451 -8.60 -31.07 -20.04
N GLY B 452 -8.52 -32.31 -20.51
CA GLY B 452 -8.74 -33.46 -19.64
C GLY B 452 -7.53 -33.80 -18.77
N VAL B 453 -6.87 -32.77 -18.26
CA VAL B 453 -5.80 -32.96 -17.28
C VAL B 453 -6.19 -32.38 -15.93
N VAL B 454 -7.01 -31.35 -15.88
CA VAL B 454 -7.50 -30.78 -14.63
C VAL B 454 -8.63 -31.65 -14.10
N HIS B 455 -8.69 -31.80 -12.77
CA HIS B 455 -9.65 -32.70 -12.17
C HIS B 455 -11.08 -32.25 -12.45
N PRO B 456 -12.02 -33.19 -12.59
CA PRO B 456 -13.41 -32.81 -12.90
C PRO B 456 -14.03 -31.83 -11.91
N SER B 457 -13.62 -31.85 -10.65
CA SER B 457 -14.15 -30.88 -9.70
C SER B 457 -13.73 -29.47 -10.05
N LEU B 458 -12.55 -29.30 -10.62
CA LEU B 458 -12.07 -28.00 -11.09
C LEU B 458 -12.39 -27.79 -12.57
N ALA B 459 -13.66 -27.96 -12.93
CA ALA B 459 -14.08 -27.81 -14.32
C ALA B 459 -14.63 -26.43 -14.63
N ASP B 460 -15.20 -25.74 -13.63
CA ASP B 460 -15.70 -24.39 -13.85
C ASP B 460 -14.58 -23.37 -13.99
N SER B 461 -13.36 -23.72 -13.56
CA SER B 461 -12.24 -22.79 -13.63
C SER B 461 -11.30 -23.07 -14.79
N ALA B 462 -11.29 -24.29 -15.34
CA ALA B 462 -10.49 -24.58 -16.52
C ALA B 462 -11.11 -24.03 -17.79
N ASN B 463 -12.44 -24.04 -17.89
CA ASN B 463 -13.10 -23.44 -19.04
C ASN B 463 -12.86 -21.94 -19.10
N LYS B 464 -12.89 -21.27 -17.94
CA LYS B 464 -12.56 -19.85 -17.90
C LYS B 464 -11.13 -19.62 -18.35
N PHE B 465 -10.21 -20.48 -17.93
CA PHE B 465 -8.81 -20.33 -18.34
C PHE B 465 -8.67 -20.49 -19.85
N GLU B 466 -9.32 -21.49 -20.43
CA GLU B 466 -9.23 -21.69 -21.88
C GLU B 466 -9.84 -20.51 -22.63
N GLU B 467 -11.00 -20.03 -22.18
CA GLU B 467 -11.63 -18.90 -22.86
C GLU B 467 -10.76 -17.65 -22.78
N ASN B 468 -10.19 -17.38 -21.60
CA ASN B 468 -9.32 -16.22 -21.45
C ASN B 468 -8.07 -16.36 -22.29
N THR B 469 -7.50 -17.56 -22.40
CA THR B 469 -6.32 -17.74 -23.23
C THR B 469 -6.64 -17.50 -24.70
N TYR B 470 -7.76 -18.02 -25.18
CA TYR B 470 -8.14 -17.80 -26.58
C TYR B 470 -8.40 -16.32 -26.85
N CYS B 471 -9.11 -15.65 -25.94
CA CYS B 471 -9.36 -14.23 -26.10
C CYS B 471 -8.06 -13.42 -26.08
N PHE B 472 -7.13 -13.81 -25.20
CA PHE B 472 -5.84 -13.13 -25.13
C PHE B 472 -5.06 -13.30 -26.43
N GLY B 473 -5.08 -14.50 -27.01
CA GLY B 473 -4.41 -14.70 -28.28
C GLY B 473 -5.01 -13.86 -29.38
N ARG B 474 -6.34 -13.83 -29.47
CA ARG B 474 -7.01 -13.01 -30.48
C ARG B 474 -6.68 -11.53 -30.28
N THR B 475 -6.72 -11.06 -29.04
CA THR B 475 -6.43 -9.66 -28.76
C THR B 475 -4.98 -9.30 -29.06
N VAL B 476 -4.04 -10.21 -28.77
CA VAL B 476 -2.64 -9.95 -29.08
C VAL B 476 -2.44 -9.87 -30.59
N GLU B 477 -3.08 -10.76 -31.35
CA GLU B 477 -2.99 -10.67 -32.80
C GLU B 477 -3.57 -9.35 -33.30
N THR B 478 -4.71 -8.93 -32.75
CA THR B 478 -5.31 -7.66 -33.16
C THR B 478 -4.39 -6.49 -32.81
N LEU B 479 -3.78 -6.51 -31.63
CA LEU B 479 -2.89 -5.43 -31.22
C LEU B 479 -1.66 -5.34 -32.13
N LEU B 480 -1.08 -6.50 -32.46
CA LEU B 480 0.07 -6.50 -33.36
C LEU B 480 -0.31 -5.99 -34.74
N LEU B 481 -1.50 -6.38 -35.23
CA LEU B 481 -1.95 -5.88 -36.52
C LEU B 481 -2.17 -4.37 -36.50
N ARG B 482 -2.79 -3.85 -35.43
CA ARG B 482 -3.14 -2.44 -35.38
C ARG B 482 -1.90 -1.56 -35.21
N PHE B 483 -1.03 -1.91 -34.26
CA PHE B 483 0.10 -1.05 -33.93
C PHE B 483 1.36 -1.44 -34.69
N GLY B 484 1.85 -2.66 -34.47
CA GLY B 484 3.13 -3.04 -35.05
C GLY B 484 4.30 -2.54 -34.22
N LYS B 485 5.35 -2.11 -34.92
CA LYS B 485 6.59 -1.71 -34.26
C LYS B 485 6.41 -0.48 -33.38
N THR B 486 5.31 0.26 -33.54
CA THR B 486 5.05 1.41 -32.67
C THR B 486 4.56 0.99 -31.28
N ILE B 487 4.33 -0.31 -31.07
CA ILE B 487 3.82 -0.79 -29.79
C ILE B 487 4.73 -0.42 -28.63
N MET B 488 5.97 -0.02 -28.91
CA MET B 488 6.86 0.46 -27.87
C MET B 488 6.28 1.68 -27.16
N GLU B 489 5.71 2.62 -27.91
CA GLU B 489 5.24 3.87 -27.32
C GLU B 489 4.05 3.63 -26.39
N GLU B 490 3.16 2.72 -26.76
CA GLU B 490 1.93 2.48 -25.99
C GLU B 490 2.27 1.62 -24.78
N GLN B 491 2.68 2.27 -23.70
CA GLN B 491 2.98 1.55 -22.47
C GLN B 491 1.75 1.30 -21.61
N LEU B 492 0.62 1.91 -21.93
CA LEU B 492 -0.63 1.55 -21.27
C LEU B 492 -1.28 0.34 -21.90
N VAL B 493 -1.04 0.10 -23.18
CA VAL B 493 -1.47 -1.14 -23.82
C VAL B 493 -0.65 -2.32 -23.30
N LEU B 494 0.65 -2.12 -23.11
CA LEU B 494 1.51 -3.19 -22.62
C LEU B 494 1.32 -3.47 -21.14
N LYS B 495 0.76 -2.54 -20.37
CA LYS B 495 0.48 -2.82 -18.98
C LYS B 495 -0.71 -3.76 -18.83
N ARG B 496 -1.73 -3.60 -19.68
CA ARG B 496 -2.86 -4.51 -19.67
C ARG B 496 -2.50 -5.87 -20.24
N VAL B 497 -1.62 -5.93 -21.23
CA VAL B 497 -1.15 -7.21 -21.75
C VAL B 497 -0.33 -7.95 -20.71
N ALA B 498 0.51 -7.22 -19.98
CA ALA B 498 1.33 -7.86 -18.94
C ALA B 498 0.51 -8.30 -17.75
N ASN B 499 -0.68 -7.73 -17.53
CA ASN B 499 -1.52 -8.10 -16.41
C ASN B 499 -2.39 -9.30 -16.72
N ILE B 500 -3.00 -9.33 -17.91
CA ILE B 500 -3.79 -10.49 -18.32
C ILE B 500 -2.90 -11.73 -18.34
N LEU B 501 -1.66 -11.58 -18.82
CA LEU B 501 -0.74 -12.70 -18.90
C LEU B 501 -0.24 -13.12 -17.52
N ILE B 502 -0.07 -12.17 -16.60
CA ILE B 502 0.29 -12.53 -15.23
C ILE B 502 -0.85 -13.32 -14.58
N ASN B 503 -2.09 -12.88 -14.79
CA ASN B 503 -3.23 -13.62 -14.25
C ASN B 503 -3.34 -15.00 -14.88
N LEU B 504 -3.09 -15.12 -16.19
CA LEU B 504 -3.17 -16.41 -16.86
C LEU B 504 -2.16 -17.41 -16.32
N TYR B 505 -1.02 -16.93 -15.83
CA TYR B 505 -0.02 -17.81 -15.23
C TYR B 505 -0.42 -18.26 -13.83
N GLY B 506 -1.09 -17.39 -13.07
CA GLY B 506 -1.61 -17.80 -11.78
C GLY B 506 -2.85 -18.66 -11.87
N MET B 507 -3.60 -18.58 -12.97
CA MET B 507 -4.77 -19.41 -13.15
C MET B 507 -4.43 -20.81 -13.65
N THR B 508 -3.18 -21.06 -14.05
CA THR B 508 -2.73 -22.39 -14.41
C THR B 508 -1.78 -23.00 -13.39
N ALA B 509 -1.15 -22.19 -12.55
CA ALA B 509 -0.34 -22.72 -11.46
C ALA B 509 -1.20 -23.26 -10.33
N VAL B 510 -2.38 -22.68 -10.11
CA VAL B 510 -3.30 -23.16 -9.07
C VAL B 510 -4.24 -24.24 -9.57
N LEU B 511 -4.35 -24.43 -10.88
CA LEU B 511 -5.09 -25.57 -11.41
C LEU B 511 -4.22 -26.81 -11.52
N SER B 512 -2.91 -26.64 -11.69
CA SER B 512 -2.00 -27.79 -11.67
C SER B 512 -1.79 -28.31 -10.25
N ARG B 513 -1.65 -27.39 -9.28
CA ARG B 513 -1.39 -27.81 -7.92
C ARG B 513 -2.62 -28.45 -7.29
N ALA B 514 -3.80 -27.82 -7.45
CA ALA B 514 -5.01 -28.33 -6.84
C ALA B 514 -5.39 -29.68 -7.44
N SER B 515 -5.24 -29.84 -8.75
CA SER B 515 -5.53 -31.13 -9.38
C SER B 515 -4.60 -32.22 -8.86
N ARG B 516 -3.32 -31.90 -8.70
CA ARG B 516 -2.38 -32.86 -8.12
C ARG B 516 -2.78 -33.23 -6.69
N SER B 517 -3.20 -32.24 -5.91
CA SER B 517 -3.63 -32.50 -4.54
C SER B 517 -4.84 -33.42 -4.50
N ILE B 518 -5.81 -33.20 -5.40
CA ILE B 518 -6.97 -34.07 -5.46
C ILE B 518 -6.55 -35.49 -5.87
N ARG B 519 -5.69 -35.59 -6.88
CA ARG B 519 -5.32 -36.89 -7.41
C ARG B 519 -4.55 -37.72 -6.39
N ILE B 520 -3.51 -37.14 -5.78
CA ILE B 520 -2.75 -37.86 -4.78
C ILE B 520 -3.56 -38.07 -3.52
N GLY B 521 -4.33 -37.06 -3.12
CA GLY B 521 -5.13 -37.14 -1.91
C GLY B 521 -4.41 -36.57 -0.71
N LEU B 522 -3.86 -35.37 -0.86
CA LEU B 522 -3.18 -34.71 0.23
C LEU B 522 -4.17 -34.31 1.33
N ARG B 523 -3.63 -33.93 2.49
CA ARG B 523 -4.47 -33.51 3.60
C ARG B 523 -5.21 -32.22 3.22
N ASN B 524 -6.48 -32.16 3.62
CA ASN B 524 -7.38 -31.02 3.40
C ASN B 524 -7.17 -30.38 2.03
N HIS B 525 -7.33 -31.21 0.99
CA HIS B 525 -7.26 -30.71 -0.37
C HIS B 525 -8.51 -29.92 -0.76
N ASP B 526 -9.59 -30.03 0.01
CA ASP B 526 -10.77 -29.20 -0.24
C ASP B 526 -10.46 -27.73 -0.01
N HIS B 527 -9.60 -27.41 0.95
CA HIS B 527 -9.15 -26.04 1.13
C HIS B 527 -8.38 -25.55 -0.09
N GLU B 528 -7.55 -26.42 -0.66
CA GLU B 528 -6.81 -26.06 -1.87
C GLU B 528 -7.77 -25.81 -3.03
N VAL B 529 -8.80 -26.65 -3.16
CA VAL B 529 -9.79 -26.45 -4.23
C VAL B 529 -10.54 -25.15 -4.02
N LEU B 530 -10.91 -24.84 -2.78
CA LEU B 530 -11.59 -23.58 -2.49
C LEU B 530 -10.71 -22.38 -2.80
N LEU B 531 -9.42 -22.47 -2.48
CA LEU B 531 -8.50 -21.37 -2.76
C LEU B 531 -8.15 -21.26 -4.24
N ALA B 532 -8.33 -22.33 -5.01
CA ALA B 532 -8.07 -22.30 -6.44
C ALA B 532 -9.28 -21.82 -7.23
N ASN B 533 -10.48 -22.25 -6.84
CA ASN B 533 -11.69 -21.79 -7.51
C ASN B 533 -12.02 -20.34 -7.18
N THR B 534 -11.60 -19.85 -6.01
CA THR B 534 -11.86 -18.46 -5.65
C THR B 534 -10.95 -17.49 -6.41
N PHE B 535 -9.67 -17.87 -6.60
CA PHE B 535 -8.77 -17.00 -7.35
C PHE B 535 -9.10 -17.01 -8.84
N CYS B 536 -9.50 -18.17 -9.37
CA CYS B 536 -9.75 -18.27 -10.80
C CYS B 536 -10.90 -17.37 -11.22
N VAL B 537 -11.96 -17.29 -10.41
CA VAL B 537 -13.11 -16.46 -10.76
C VAL B 537 -12.72 -14.99 -10.77
N GLU B 538 -12.01 -14.54 -9.72
CA GLU B 538 -11.60 -13.14 -9.64
C GLU B 538 -10.66 -12.78 -10.78
N ALA B 539 -9.69 -13.64 -11.07
CA ALA B 539 -8.75 -13.38 -12.15
C ALA B 539 -9.44 -13.41 -13.51
N TYR B 540 -10.43 -14.29 -13.69
CA TYR B 540 -11.19 -14.30 -14.94
C TYR B 540 -11.96 -13.00 -15.12
N LEU B 541 -12.57 -12.50 -14.04
CA LEU B 541 -13.28 -11.22 -14.15
C LEU B 541 -12.31 -10.08 -14.46
N GLN B 542 -11.14 -10.08 -13.82
CA GLN B 542 -10.14 -9.05 -14.09
C GLN B 542 -9.68 -9.08 -15.53
N ASN B 543 -9.42 -10.28 -16.06
CA ASN B 543 -9.00 -10.41 -17.45
C ASN B 543 -10.12 -10.03 -18.41
N LEU B 544 -11.36 -10.35 -18.07
CA LEU B 544 -12.50 -9.96 -18.90
C LEU B 544 -12.63 -8.45 -18.97
N PHE B 545 -12.40 -7.75 -17.85
CA PHE B 545 -12.40 -6.29 -17.89
C PHE B 545 -11.26 -5.75 -18.74
N SER B 546 -10.05 -6.29 -18.55
CA SER B 546 -8.88 -5.77 -19.26
C SER B 546 -8.96 -6.03 -20.76
N LEU B 547 -9.47 -7.19 -21.17
CA LEU B 547 -9.58 -7.50 -22.58
C LEU B 547 -10.60 -6.64 -23.30
N SER B 548 -11.53 -6.01 -22.57
CA SER B 548 -12.46 -5.08 -23.18
C SER B 548 -11.83 -3.73 -23.47
N GLN B 549 -10.79 -3.35 -22.72
CA GLN B 549 -10.10 -2.08 -22.90
C GLN B 549 -9.04 -2.12 -24.00
N LEU B 550 -8.79 -3.29 -24.58
CA LEU B 550 -7.80 -3.44 -25.65
C LEU B 550 -8.46 -3.47 -27.02
N ASP B 551 -9.52 -2.70 -27.21
CA ASP B 551 -10.26 -2.67 -28.47
C ASP B 551 -10.36 -1.22 -28.95
N LYS B 552 -10.57 -1.08 -30.27
CA LYS B 552 -10.63 0.24 -30.88
C LYS B 552 -11.87 1.01 -30.43
N TYR B 553 -12.98 0.32 -30.20
CA TYR B 553 -14.27 0.96 -29.91
C TYR B 553 -14.68 0.76 -28.46
N ALA B 554 -13.74 0.87 -27.54
CA ALA B 554 -14.03 0.71 -26.11
C ALA B 554 -14.33 2.07 -25.51
N PRO B 555 -15.57 2.34 -25.09
CA PRO B 555 -15.86 3.63 -24.44
C PRO B 555 -15.32 3.72 -23.02
N GLU B 556 -14.98 2.59 -22.40
CA GLU B 556 -14.46 2.57 -21.05
C GLU B 556 -12.94 2.70 -21.00
N ASN B 557 -12.29 2.92 -22.14
CA ASN B 557 -10.83 2.99 -22.22
C ASN B 557 -10.40 4.43 -21.92
N LEU B 558 -9.82 4.62 -20.73
CA LEU B 558 -9.27 5.92 -20.33
C LEU B 558 -7.76 5.87 -20.55
N ASP B 559 -7.35 6.10 -21.78
CA ASP B 559 -5.93 6.16 -22.13
C ASP B 559 -5.61 7.45 -22.85
N GLU B 560 -6.56 7.93 -23.67
CA GLU B 560 -6.40 9.24 -24.30
C GLU B 560 -6.57 10.37 -23.30
N GLN B 561 -7.47 10.20 -22.33
CA GLN B 561 -7.69 11.23 -21.33
C GLN B 561 -6.56 11.27 -20.30
N ILE B 562 -5.96 10.12 -19.99
CA ILE B 562 -4.83 10.09 -19.08
C ILE B 562 -3.62 10.79 -19.70
N LYS B 563 -3.45 10.65 -21.02
CA LYS B 563 -2.31 11.31 -21.68
C LYS B 563 -2.42 12.82 -21.61
N LYS B 564 -3.63 13.37 -21.84
CA LYS B 564 -3.80 14.82 -21.83
C LYS B 564 -3.58 15.39 -20.43
N VAL B 565 -4.22 14.78 -19.43
CA VAL B 565 -4.14 15.29 -18.06
C VAL B 565 -2.69 15.25 -17.57
N SER B 566 -2.03 14.11 -17.74
CA SER B 566 -0.65 13.98 -17.30
C SER B 566 0.29 14.87 -18.09
N GLN B 567 0.04 15.05 -19.40
CA GLN B 567 0.87 15.93 -20.19
C GLN B 567 0.77 17.38 -19.69
N GLN B 568 -0.46 17.83 -19.40
CA GLN B 568 -0.63 19.18 -18.87
C GLN B 568 0.06 19.33 -17.51
N ILE B 569 -0.11 18.33 -16.65
CA ILE B 569 0.51 18.40 -15.32
C ILE B 569 2.02 18.47 -15.44
N LEU B 570 2.60 17.65 -16.32
CA LEU B 570 4.06 17.58 -16.42
C LEU B 570 4.64 18.78 -17.16
N GLU B 571 3.88 19.40 -18.07
CA GLU B 571 4.38 20.62 -18.68
C GLU B 571 4.27 21.80 -17.72
N LYS B 572 3.32 21.77 -16.78
CA LYS B 572 3.31 22.75 -15.72
C LYS B 572 4.14 22.33 -14.51
N ARG B 573 4.41 21.03 -14.36
CA ARG B 573 5.21 20.49 -13.26
C ARG B 573 4.58 20.77 -11.90
N ALA B 574 3.27 20.85 -11.85
CA ALA B 574 2.55 21.12 -10.61
C ALA B 574 1.07 20.81 -10.84
N TYR B 575 0.32 20.79 -9.74
CA TYR B 575 -1.13 20.60 -9.82
C TYR B 575 -1.75 21.83 -10.48
N ILE B 576 -2.68 21.58 -11.40
CA ILE B 576 -3.20 22.62 -12.27
C ILE B 576 -4.52 23.19 -11.77
N CYS B 577 -5.44 22.33 -11.35
CA CYS B 577 -6.77 22.78 -10.97
C CYS B 577 -6.72 23.80 -9.85
N ALA B 578 -7.50 24.86 -9.98
CA ALA B 578 -7.53 25.92 -8.99
C ALA B 578 -8.21 25.45 -7.71
N HIS B 579 -8.05 26.24 -6.66
CA HIS B 579 -8.65 25.90 -5.38
C HIS B 579 -10.17 25.98 -5.47
N PRO B 580 -10.89 25.12 -4.74
CA PRO B 580 -12.36 25.20 -4.76
C PRO B 580 -12.91 26.51 -4.25
N LEU B 581 -12.14 27.25 -3.45
CA LEU B 581 -12.56 28.56 -2.96
C LEU B 581 -12.18 29.70 -3.90
N ASP B 582 -11.50 29.41 -5.01
CA ASP B 582 -11.12 30.45 -5.93
C ASP B 582 -12.34 31.09 -6.58
N ARG B 583 -12.24 32.39 -6.84
CA ARG B 583 -13.36 33.14 -7.41
C ARG B 583 -12.78 34.22 -8.31
N THR B 584 -13.19 34.23 -9.57
CA THR B 584 -12.72 35.19 -10.55
C THR B 584 -13.76 36.30 -10.75
N CYS B 585 -13.32 37.39 -11.37
CA CYS B 585 -14.19 38.52 -11.64
C CYS B 585 -15.09 38.25 -12.85
N THR C 102 20.49 2.46 -30.77
CA THR C 102 20.36 2.49 -29.32
C THR C 102 21.41 1.61 -28.65
N PRO C 103 21.92 2.04 -27.49
CA PRO C 103 22.89 1.22 -26.76
C PRO C 103 22.33 -0.13 -26.40
N GLU C 104 23.21 -1.13 -26.43
CA GLU C 104 22.78 -2.51 -26.19
C GLU C 104 22.31 -2.71 -24.75
N GLU C 105 22.95 -2.03 -23.80
CA GLU C 105 22.63 -2.24 -22.39
C GLU C 105 21.17 -1.90 -22.08
N TRP C 106 20.56 -1.02 -22.86
CA TRP C 106 19.16 -0.69 -22.65
C TRP C 106 18.28 -1.92 -22.81
N ASN C 107 18.65 -2.84 -23.70
CA ASN C 107 17.89 -4.07 -23.88
C ASN C 107 17.92 -4.95 -22.64
N LEU C 108 18.81 -4.68 -21.68
CA LEU C 108 18.76 -5.39 -20.41
C LEU C 108 17.46 -5.10 -19.66
N TYR C 109 16.85 -3.95 -19.91
CA TYR C 109 15.56 -3.64 -19.27
C TYR C 109 14.42 -4.31 -20.02
N TYR C 110 14.24 -3.96 -21.29
CA TYR C 110 13.28 -4.63 -22.17
C TYR C 110 13.71 -4.37 -23.61
N PRO C 111 13.30 -5.22 -24.54
CA PRO C 111 13.73 -5.05 -25.95
C PRO C 111 13.28 -3.71 -26.51
N MET C 112 14.26 -2.90 -26.93
CA MET C 112 13.97 -1.58 -27.48
C MET C 112 13.43 -1.63 -28.89
N GLN C 113 13.82 -2.64 -29.68
CA GLN C 113 13.47 -2.72 -31.08
C GLN C 113 12.71 -4.01 -31.36
N LEU C 114 11.66 -3.93 -32.17
CA LEU C 114 10.93 -5.09 -32.64
C LEU C 114 11.51 -5.57 -33.96
N ASP C 115 11.46 -6.89 -34.18
CA ASP C 115 11.99 -7.45 -35.42
C ASP C 115 10.98 -7.36 -36.56
N LEU C 116 9.78 -6.85 -36.28
CA LEU C 116 8.74 -6.72 -37.29
C LEU C 116 9.20 -5.83 -38.45
N THR D 102 -27.07 -4.18 24.68
CA THR D 102 -25.75 -3.61 24.46
C THR D 102 -25.46 -2.52 25.51
N PRO D 103 -24.19 -2.29 25.82
CA PRO D 103 -23.86 -1.31 26.87
C PRO D 103 -24.00 0.13 26.42
N GLU D 104 -24.68 0.35 25.29
CA GLU D 104 -24.90 1.65 24.66
C GLU D 104 -23.60 2.44 24.53
N GLU D 105 -22.47 1.73 24.58
CA GLU D 105 -21.16 2.31 24.31
C GLU D 105 -20.59 1.82 22.98
N TRP D 106 -20.92 0.59 22.58
CA TRP D 106 -20.47 0.07 21.29
C TRP D 106 -21.13 0.79 20.12
N ASN D 107 -22.23 1.50 20.36
CA ASN D 107 -22.91 2.23 19.31
C ASN D 107 -22.09 3.39 18.74
N LEU D 108 -21.04 3.81 19.46
CA LEU D 108 -20.18 4.86 18.94
C LEU D 108 -19.45 4.42 17.68
N TYR D 109 -18.97 3.17 17.64
CA TYR D 109 -18.25 2.69 16.47
C TYR D 109 -19.19 2.58 15.26
N TYR D 110 -20.33 1.92 15.44
CA TYR D 110 -21.38 1.90 14.43
C TYR D 110 -22.68 1.45 15.09
N PRO D 111 -23.82 1.84 14.54
CA PRO D 111 -25.11 1.52 15.18
C PRO D 111 -25.32 0.01 15.29
N MET D 112 -25.96 -0.39 16.38
CA MET D 112 -26.26 -1.79 16.64
C MET D 112 -27.73 -1.95 17.01
N GLN D 113 -28.24 -3.17 16.83
CA GLN D 113 -29.63 -3.50 17.09
C GLN D 113 -30.58 -2.62 16.26
N LEU D 114 -30.47 -2.81 14.94
CA LEU D 114 -31.32 -2.08 14.02
C LEU D 114 -32.79 -2.32 14.34
N ASP D 115 -33.56 -1.23 14.40
CA ASP D 115 -34.98 -1.29 14.71
C ASP D 115 -35.77 -1.20 13.42
N LEU D 116 -36.00 -2.36 12.80
CA LEU D 116 -36.67 -2.45 11.52
C LEU D 116 -37.99 -3.19 11.71
#